data_3WG6
#
_entry.id   3WG6
#
_cell.length_a   59.070
_cell.length_b   84.930
_cell.length_c   136.160
_cell.angle_alpha   90.00
_cell.angle_beta   96.17
_cell.angle_gamma   90.00
#
_symmetry.space_group_name_H-M   'P 1 21 1'
#
loop_
_entity.id
_entity.type
_entity.pdbx_description
1 polymer 'Conjugated polyketone reductase C1'
2 non-polymer 'NADPH DIHYDRO-NICOTINAMIDE-ADENINE-DINUCLEOTIDE PHOSPHATE'
3 water water
#
_entity_poly.entity_id   1
_entity_poly.type   'polypeptide(L)'
_entity_poly.pdbx_seq_one_letter_code
;GSHMSLAGKEFKLSNGNKIPAVAFGTGTKYFKRGHNDLDKQLIGTLELALRSGFRHIDGAEIYGTNKEIGIALKNVGLNR
KDVFITDKYNSGNHTYDGKHSKHQNPYNALKADLEDLGLEYVDLYLIHFPYISEKSHGFDLVEAWRYLERAKNEGLARNI
GVSNFTIENLKSILDANTDSIPVVNQIEFSAYLQDQTPGIVEYSQQQGILIEAYGPLGPITQGRPGPLDKVLSKLSEKYK
RNEGQILLRWVLQRGILPITTTSKEERINDVLEIFDFELDKEDEDQITKVGKEKTLRQFSKEYSKYD
;
_entity_poly.pdbx_strand_id   A,B,C,D
#
# COMPACT_ATOMS: atom_id res chain seq x y z
N LYS A 9 26.60 -12.48 36.29
CA LYS A 9 27.11 -13.34 35.15
C LYS A 9 26.03 -14.13 34.35
N GLU A 10 24.76 -13.84 34.56
CA GLU A 10 23.76 -14.60 33.84
C GLU A 10 22.46 -13.83 33.64
N PHE A 11 21.66 -14.24 32.65
CA PHE A 11 20.31 -13.69 32.55
C PHE A 11 19.36 -14.77 33.04
N LYS A 12 18.13 -14.37 33.36
CA LYS A 12 17.05 -15.27 33.67
C LYS A 12 16.01 -15.22 32.57
N LEU A 13 15.72 -16.36 31.98
CA LEU A 13 14.71 -16.48 30.95
C LEU A 13 13.31 -16.34 31.52
N SER A 14 12.37 -16.19 30.60
CA SER A 14 10.94 -16.13 30.92
C SER A 14 10.44 -17.21 31.86
N ASN A 15 10.85 -18.45 31.62
CA ASN A 15 10.42 -19.62 32.40
C ASN A 15 11.29 -19.82 33.66
N GLY A 16 12.22 -18.89 33.92
CA GLY A 16 12.94 -18.92 35.17
C GLY A 16 14.31 -19.58 35.03
N ASN A 17 14.54 -20.27 33.91
CA ASN A 17 15.78 -20.96 33.65
C ASN A 17 16.86 -19.89 33.34
N LYS A 18 18.10 -20.11 33.79
CA LYS A 18 19.22 -19.16 33.68
C LYS A 18 20.06 -19.49 32.46
N ILE A 19 20.70 -18.47 31.88
CA ILE A 19 21.51 -18.60 30.71
C ILE A 19 22.80 -17.79 30.90
N PRO A 20 23.96 -18.41 30.70
CA PRO A 20 25.11 -17.55 31.01
C PRO A 20 25.21 -16.35 30.06
N ALA A 21 25.63 -15.23 30.60
CA ALA A 21 25.47 -13.96 29.97
C ALA A 21 26.45 -13.58 28.83
N VAL A 22 27.45 -14.42 28.55
CA VAL A 22 28.26 -14.25 27.32
C VAL A 22 28.36 -15.63 26.69
N ALA A 23 28.42 -15.70 25.38
CA ALA A 23 28.51 -16.96 24.76
C ALA A 23 29.69 -17.00 23.80
N PHE A 24 30.26 -18.19 23.63
CA PHE A 24 31.32 -18.37 22.64
C PHE A 24 30.69 -18.95 21.39
N GLY A 25 30.80 -18.29 20.24
CA GLY A 25 30.17 -18.83 19.03
C GLY A 25 31.00 -19.78 18.18
N THR A 26 30.34 -20.64 17.43
CA THR A 26 31.06 -21.61 16.57
C THR A 26 30.63 -21.53 15.12
N GLY A 27 30.03 -20.39 14.74
CA GLY A 27 29.67 -20.07 13.35
C GLY A 27 30.61 -18.98 12.85
N THR A 28 30.11 -18.12 11.96
CA THR A 28 30.93 -17.10 11.29
C THR A 28 32.31 -17.61 10.90
N LYS A 29 33.31 -17.21 11.67
CA LYS A 29 34.72 -17.60 11.56
C LYS A 29 34.98 -19.11 11.39
N TYR A 30 34.19 -19.91 12.07
CA TYR A 30 34.36 -21.37 12.08
C TYR A 30 33.38 -22.16 11.17
N PHE A 31 32.49 -21.45 10.49
CA PHE A 31 31.40 -22.05 9.71
C PHE A 31 32.06 -22.78 8.54
N LYS A 32 31.74 -24.07 8.44
CA LYS A 32 32.33 -24.95 7.42
C LYS A 32 31.80 -24.60 6.06
N ARG A 33 32.72 -24.52 5.10
CA ARG A 33 32.45 -24.14 3.72
C ARG A 33 33.02 -25.24 2.82
N GLY A 34 32.15 -26.14 2.34
CA GLY A 34 32.57 -27.25 1.45
C GLY A 34 33.61 -28.24 1.97
N HIS A 35 33.44 -28.65 3.23
CA HIS A 35 34.18 -29.79 3.85
C HIS A 35 33.48 -30.13 5.17
N ASN A 36 33.79 -31.31 5.69
CA ASN A 36 33.19 -31.77 6.91
C ASN A 36 34.26 -32.26 7.88
N ASP A 37 35.53 -32.01 7.54
CA ASP A 37 36.72 -32.33 8.34
C ASP A 37 36.63 -31.77 9.75
N LEU A 38 37.18 -32.46 10.76
CA LEU A 38 37.24 -31.83 12.10
C LEU A 38 38.17 -30.59 12.10
N ASP A 39 37.70 -29.52 12.73
CA ASP A 39 38.51 -28.30 12.94
C ASP A 39 39.23 -28.40 14.28
N LYS A 40 40.45 -28.90 14.21
CA LYS A 40 41.26 -29.20 15.40
C LYS A 40 41.55 -27.94 16.19
N GLN A 41 41.81 -26.80 15.52
CA GLN A 41 42.06 -25.53 16.21
C GLN A 41 40.84 -25.17 17.03
N LEU A 42 39.65 -25.26 16.40
CA LEU A 42 38.43 -24.94 17.09
C LEU A 42 38.26 -25.75 18.40
N ILE A 43 38.44 -27.07 18.31
CA ILE A 43 38.27 -27.92 19.45
C ILE A 43 39.22 -27.41 20.57
N GLY A 44 40.48 -27.13 20.21
CA GLY A 44 41.51 -26.59 21.11
C GLY A 44 40.98 -25.34 21.82
N THR A 45 40.47 -24.41 21.03
CA THR A 45 40.07 -23.09 21.46
C THR A 45 38.86 -23.22 22.38
N LEU A 46 37.95 -24.11 22.00
CA LEU A 46 36.77 -24.45 22.86
C LEU A 46 37.17 -24.98 24.24
N GLU A 47 38.18 -25.84 24.27
CA GLU A 47 38.72 -26.31 25.52
C GLU A 47 39.27 -25.15 26.33
N LEU A 48 40.08 -24.30 25.69
CA LEU A 48 40.67 -23.18 26.39
C LEU A 48 39.53 -22.31 26.95
N ALA A 49 38.54 -22.01 26.12
CA ALA A 49 37.43 -21.13 26.53
C ALA A 49 36.63 -21.68 27.77
N LEU A 50 36.33 -22.96 27.74
CA LEU A 50 35.63 -23.61 28.81
C LEU A 50 36.54 -23.61 30.03
N ARG A 51 37.78 -24.03 29.91
CA ARG A 51 38.64 -24.02 31.09
C ARG A 51 38.85 -22.59 31.61
N SER A 52 38.81 -21.57 30.73
CA SER A 52 38.98 -20.20 31.22
C SER A 52 37.72 -19.64 31.90
N GLY A 53 36.54 -20.22 31.64
CA GLY A 53 35.35 -19.82 32.37
C GLY A 53 34.07 -19.54 31.53
N PHE A 54 34.15 -19.71 30.20
CA PHE A 54 32.95 -19.79 29.36
C PHE A 54 32.10 -20.99 29.74
N ARG A 55 30.79 -20.80 29.72
CA ARG A 55 29.85 -21.85 30.15
C ARG A 55 28.66 -21.81 29.21
N HIS A 56 28.80 -21.21 28.03
CA HIS A 56 27.71 -21.00 27.03
C HIS A 56 28.36 -20.97 25.65
N ILE A 57 28.08 -22.00 24.89
CA ILE A 57 28.59 -22.12 23.54
C ILE A 57 27.41 -22.04 22.58
N ASP A 58 27.56 -21.24 21.54
CA ASP A 58 26.49 -21.07 20.52
C ASP A 58 26.81 -21.86 19.24
N GLY A 59 26.00 -22.84 18.93
CA GLY A 59 26.18 -23.67 17.74
C GLY A 59 24.92 -23.65 16.84
N ALA A 60 24.98 -24.48 15.77
CA ALA A 60 23.88 -24.60 14.76
C ALA A 60 24.15 -25.77 13.84
N GLU A 61 23.08 -26.44 13.40
CA GLU A 61 23.19 -27.47 12.38
C GLU A 61 24.02 -27.01 11.19
N ILE A 62 23.76 -25.82 10.70
CA ILE A 62 24.36 -25.42 9.46
C ILE A 62 25.87 -25.14 9.62
N TYR A 63 26.34 -24.87 10.85
CA TYR A 63 27.78 -24.56 11.02
C TYR A 63 28.70 -25.71 10.69
N GLY A 64 28.24 -26.92 10.97
CA GLY A 64 29.05 -28.12 10.84
C GLY A 64 30.04 -28.27 12.01
N THR A 65 29.84 -27.53 13.11
CA THR A 65 30.84 -27.56 14.19
C THR A 65 30.37 -28.28 15.47
N ASN A 66 29.20 -28.91 15.38
CA ASN A 66 28.62 -29.56 16.54
C ASN A 66 29.48 -30.70 17.08
N LYS A 67 30.13 -31.47 16.20
CA LYS A 67 31.10 -32.49 16.66
C LYS A 67 32.22 -31.92 17.48
N GLU A 68 32.85 -30.85 16.96
CA GLU A 68 33.85 -30.12 17.74
C GLU A 68 33.38 -29.74 19.15
N ILE A 69 32.16 -29.22 19.25
CA ILE A 69 31.66 -28.80 20.55
C ILE A 69 31.61 -30.03 21.46
N GLY A 70 31.15 -31.17 20.93
CA GLY A 70 30.96 -32.34 21.79
C GLY A 70 32.28 -32.88 22.28
N ILE A 71 33.29 -32.86 21.42
CA ILE A 71 34.66 -33.37 21.75
C ILE A 71 35.28 -32.49 22.84
N ALA A 72 35.21 -31.18 22.66
CA ALA A 72 35.69 -30.20 23.63
C ALA A 72 35.02 -30.40 24.97
N LEU A 73 33.68 -30.57 24.98
CA LEU A 73 32.94 -30.84 26.19
C LEU A 73 33.40 -32.10 26.87
N LYS A 74 33.57 -33.18 26.09
CA LYS A 74 34.04 -34.45 26.64
C LYS A 74 35.45 -34.27 27.22
N ASN A 75 36.35 -33.62 26.49
CA ASN A 75 37.75 -33.46 26.98
C ASN A 75 37.86 -32.65 28.25
N VAL A 76 37.03 -31.64 28.41
CA VAL A 76 37.04 -30.81 29.60
C VAL A 76 36.32 -31.50 30.78
N GLY A 77 35.17 -32.10 30.50
CA GLY A 77 34.45 -32.83 31.52
C GLY A 77 33.92 -31.89 32.61
N LEU A 78 33.46 -30.69 32.27
CA LEU A 78 32.62 -29.92 33.22
C LEU A 78 31.35 -30.68 33.55
N ASN A 79 30.81 -30.54 34.77
CA ASN A 79 29.44 -30.97 35.09
C ASN A 79 28.46 -30.44 33.99
N ARG A 80 27.64 -31.34 33.45
CA ARG A 80 26.73 -31.06 32.37
C ARG A 80 25.78 -29.94 32.70
N LYS A 81 25.34 -29.87 33.96
CA LYS A 81 24.36 -28.89 34.43
C LYS A 81 24.96 -27.50 34.45
N ASP A 82 26.27 -27.40 34.32
CA ASP A 82 26.95 -26.10 34.47
C ASP A 82 27.22 -25.49 33.11
N VAL A 83 27.03 -26.31 32.06
CA VAL A 83 27.22 -25.82 30.72
C VAL A 83 25.90 -25.56 29.95
N PHE A 84 25.91 -24.55 29.11
CA PHE A 84 24.71 -24.16 28.37
C PHE A 84 25.01 -24.25 26.84
N ILE A 85 24.34 -25.19 26.20
CA ILE A 85 24.59 -25.43 24.78
C ILE A 85 23.39 -25.02 23.88
N THR A 86 23.69 -24.24 22.85
CA THR A 86 22.67 -23.80 21.92
C THR A 86 22.93 -24.50 20.56
N ASP A 87 21.84 -24.96 19.94
CA ASP A 87 21.89 -25.46 18.60
C ASP A 87 20.69 -24.87 17.85
N LYS A 88 20.67 -24.99 16.52
CA LYS A 88 19.69 -24.32 15.72
C LYS A 88 19.30 -25.12 14.50
N TYR A 89 18.00 -25.18 14.24
CA TYR A 89 17.54 -25.87 13.07
C TYR A 89 17.84 -25.09 11.80
N ASN A 90 18.50 -25.74 10.85
CA ASN A 90 18.82 -25.10 9.56
C ASN A 90 17.58 -24.92 8.69
N SER A 91 16.95 -23.77 8.85
CA SER A 91 15.63 -23.62 8.25
C SER A 91 15.73 -23.10 6.84
N GLY A 92 16.87 -22.57 6.43
CA GLY A 92 16.99 -22.16 5.03
C GLY A 92 17.06 -20.64 4.94
N ASN A 93 17.33 -20.13 3.76
CA ASN A 93 17.39 -18.68 3.59
C ASN A 93 16.09 -18.05 3.06
N HIS A 94 16.10 -16.72 2.94
CA HIS A 94 14.92 -15.95 2.61
C HIS A 94 14.40 -16.24 1.21
N THR A 95 15.10 -16.98 0.35
CA THR A 95 14.57 -17.34 -0.99
C THR A 95 13.48 -18.50 -0.99
N TYR A 96 13.30 -19.16 0.16
CA TYR A 96 12.54 -20.42 0.26
C TYR A 96 12.91 -21.39 -0.91
N ASP A 97 14.20 -21.55 -1.20
CA ASP A 97 14.63 -22.34 -2.35
C ASP A 97 14.68 -23.84 -2.06
N GLY A 98 14.39 -24.24 -0.81
CA GLY A 98 14.51 -25.63 -0.40
C GLY A 98 15.93 -26.06 -0.05
N LYS A 99 16.90 -25.14 0.00
CA LYS A 99 18.26 -25.55 0.40
C LYS A 99 18.49 -25.34 1.90
N HIS A 100 18.30 -26.40 2.66
CA HIS A 100 18.20 -26.31 4.13
C HIS A 100 18.51 -27.63 4.88
N SER A 101 18.07 -27.79 6.12
CA SER A 101 18.29 -29.08 6.82
C SER A 101 18.06 -30.29 5.89
N LYS A 102 18.91 -31.30 6.00
CA LYS A 102 18.81 -32.51 5.19
C LYS A 102 17.79 -33.54 5.83
N HIS A 103 17.33 -33.21 7.05
CA HIS A 103 16.40 -33.99 7.87
C HIS A 103 14.96 -33.56 7.57
N GLN A 104 14.02 -34.40 7.99
CA GLN A 104 12.63 -34.18 7.54
C GLN A 104 11.94 -33.10 8.35
N ASN A 105 12.44 -32.82 9.55
CA ASN A 105 11.82 -31.81 10.40
C ASN A 105 12.72 -31.36 11.54
N PRO A 106 12.36 -30.28 12.26
CA PRO A 106 13.36 -29.84 13.27
C PRO A 106 13.57 -30.87 14.39
N TYR A 107 12.53 -31.62 14.73
CA TYR A 107 12.69 -32.67 15.74
C TYR A 107 13.72 -33.72 15.32
N ASN A 108 13.59 -34.26 14.11
CA ASN A 108 14.63 -35.23 13.65
C ASN A 108 16.03 -34.58 13.51
N ALA A 109 16.09 -33.30 13.15
CA ALA A 109 17.40 -32.59 13.03
C ALA A 109 18.06 -32.48 14.38
N LEU A 110 17.30 -32.04 15.40
CA LEU A 110 17.88 -31.96 16.74
C LEU A 110 18.36 -33.32 17.25
N LYS A 111 17.65 -34.39 16.88
CA LYS A 111 18.06 -35.73 17.28
C LYS A 111 19.38 -36.10 16.63
N ALA A 112 19.50 -35.94 15.32
CA ALA A 112 20.78 -36.15 14.68
C ALA A 112 21.92 -35.27 15.26
N ASP A 113 21.65 -34.01 15.56
CA ASP A 113 22.68 -33.13 16.11
C ASP A 113 23.10 -33.59 17.50
N LEU A 114 22.14 -33.99 18.34
CA LEU A 114 22.49 -34.58 19.64
C LEU A 114 23.46 -35.75 19.53
N GLU A 115 23.30 -36.60 18.50
CA GLU A 115 24.32 -37.63 18.27
C GLU A 115 25.70 -37.02 17.93
N ASP A 116 25.76 -35.98 17.12
CA ASP A 116 27.05 -35.32 16.80
C ASP A 116 27.69 -34.69 18.08
N LEU A 117 26.82 -34.16 18.94
CA LEU A 117 27.21 -33.50 20.17
C LEU A 117 27.57 -34.47 21.28
N GLY A 118 27.10 -35.74 21.22
CA GLY A 118 27.33 -36.71 22.30
C GLY A 118 26.65 -36.27 23.58
N LEU A 119 25.51 -35.60 23.47
CA LEU A 119 24.75 -35.08 24.60
C LEU A 119 23.34 -35.66 24.63
N GLU A 120 22.73 -35.61 25.82
CA GLU A 120 21.37 -36.02 26.00
C GLU A 120 20.39 -34.93 25.61
N TYR A 121 20.80 -33.67 25.73
CA TYR A 121 19.91 -32.57 25.44
C TYR A 121 20.78 -31.35 25.08
N VAL A 122 20.18 -30.36 24.42
CA VAL A 122 20.78 -29.02 24.35
C VAL A 122 20.05 -28.14 25.33
N ASP A 123 20.68 -27.03 25.71
CA ASP A 123 20.02 -26.12 26.63
C ASP A 123 19.08 -25.20 25.89
N LEU A 124 19.38 -24.93 24.62
CA LEU A 124 18.51 -24.02 23.87
C LEU A 124 18.54 -24.41 22.45
N TYR A 125 17.35 -24.42 21.84
CA TYR A 125 17.22 -24.82 20.46
C TYR A 125 16.42 -23.82 19.70
N LEU A 126 16.92 -23.38 18.54
CA LEU A 126 16.32 -22.24 17.92
C LEU A 126 15.94 -22.58 16.49
N ILE A 127 14.85 -21.96 16.01
CA ILE A 127 14.64 -21.84 14.60
C ILE A 127 15.63 -20.78 14.10
N HIS A 128 16.62 -21.19 13.32
CA HIS A 128 17.70 -20.30 12.86
C HIS A 128 17.21 -19.12 12.04
N PHE A 129 16.27 -19.32 11.11
CA PHE A 129 15.78 -18.20 10.24
C PHE A 129 14.32 -18.37 10.03
N PRO A 130 13.58 -17.26 9.81
CA PRO A 130 12.14 -17.43 9.77
C PRO A 130 11.57 -17.79 8.41
N TYR A 131 12.31 -18.47 7.56
CA TYR A 131 11.75 -18.71 6.23
C TYR A 131 11.36 -20.18 6.09
N ILE A 132 10.19 -20.42 6.60
CA ILE A 132 9.55 -21.76 6.54
C ILE A 132 8.13 -21.68 5.93
N SER A 133 7.86 -22.56 4.97
CA SER A 133 6.59 -22.54 4.26
C SER A 133 6.30 -23.99 3.82
N GLU A 134 5.04 -24.34 3.62
CA GLU A 134 4.70 -25.70 3.21
C GLU A 134 5.29 -26.09 1.87
N LYS A 135 5.24 -25.17 0.94
CA LYS A 135 5.73 -25.40 -0.42
C LYS A 135 7.25 -25.71 -0.44
N SER A 136 8.00 -25.10 0.50
CA SER A 136 9.47 -25.26 0.58
C SER A 136 9.96 -26.33 1.59
N HIS A 137 9.16 -26.57 2.65
CA HIS A 137 9.52 -27.50 3.77
C HIS A 137 8.51 -28.66 4.07
N GLY A 138 7.28 -28.57 3.58
CA GLY A 138 6.26 -29.59 3.91
C GLY A 138 5.50 -29.20 5.19
N PHE A 139 5.92 -28.08 5.82
CA PHE A 139 5.25 -27.52 6.98
C PHE A 139 5.47 -25.97 7.08
N ASP A 140 4.61 -25.30 7.86
CA ASP A 140 4.72 -23.85 7.95
C ASP A 140 5.39 -23.50 9.26
N LEU A 141 5.43 -22.20 9.54
CA LEU A 141 6.31 -21.66 10.50
C LEU A 141 5.82 -22.04 11.85
N VAL A 142 4.50 -22.00 12.04
CA VAL A 142 3.95 -22.36 13.34
C VAL A 142 4.08 -23.89 13.62
N GLU A 143 3.93 -24.74 12.61
CA GLU A 143 4.19 -26.16 12.82
C GLU A 143 5.66 -26.43 13.09
N ALA A 144 6.56 -25.56 12.61
CA ALA A 144 7.98 -25.77 12.92
C ALA A 144 8.16 -25.50 14.42
N TRP A 145 7.51 -24.45 14.91
CA TRP A 145 7.49 -24.17 16.32
C TRP A 145 6.98 -25.37 17.08
N ARG A 146 5.87 -25.94 16.61
CA ARG A 146 5.31 -27.17 17.22
C ARG A 146 6.31 -28.32 17.35
N TYR A 147 7.15 -28.56 16.34
CA TYR A 147 8.25 -29.51 16.50
C TYR A 147 9.20 -29.14 17.64
N LEU A 148 9.57 -27.88 17.70
CA LEU A 148 10.37 -27.38 18.83
C LEU A 148 9.64 -27.68 20.17
N GLU A 149 8.33 -27.51 20.18
CA GLU A 149 7.55 -27.82 21.39
C GLU A 149 7.57 -29.29 21.79
N ARG A 150 7.54 -30.18 20.80
CA ARG A 150 7.72 -31.61 21.06
C ARG A 150 9.10 -31.91 21.67
N ALA A 151 10.15 -31.30 21.08
CA ALA A 151 11.50 -31.50 21.61
C ALA A 151 11.61 -31.05 23.10
N LYS A 152 10.95 -29.93 23.43
CA LYS A 152 11.01 -29.32 24.74
C LYS A 152 10.30 -30.24 25.76
N ASN A 153 9.12 -30.73 25.37
CA ASN A 153 8.30 -31.53 26.29
C ASN A 153 8.96 -32.87 26.54
N GLU A 154 9.59 -33.39 25.49
CA GLU A 154 10.36 -34.60 25.61
C GLU A 154 11.72 -34.44 26.43
N GLY A 155 12.30 -33.27 26.56
CA GLY A 155 13.50 -33.18 27.37
C GLY A 155 14.72 -32.96 26.48
N LEU A 156 14.52 -32.90 25.15
CA LEU A 156 15.64 -32.82 24.18
C LEU A 156 16.24 -31.41 24.07
N ALA A 157 15.42 -30.41 24.41
CA ALA A 157 15.83 -29.00 24.55
C ALA A 157 15.26 -28.44 25.85
N ARG A 158 16.09 -27.92 26.76
CA ARG A 158 15.52 -27.32 27.96
C ARG A 158 14.71 -26.10 27.58
N ASN A 159 15.15 -25.29 26.62
CA ASN A 159 14.44 -24.03 26.25
C ASN A 159 14.36 -23.96 24.76
N ILE A 160 13.39 -23.23 24.21
CA ILE A 160 13.28 -23.13 22.79
C ILE A 160 13.08 -21.68 22.40
N GLY A 161 13.58 -21.34 21.20
CA GLY A 161 13.51 -19.97 20.75
C GLY A 161 13.69 -19.82 19.24
N VAL A 162 13.95 -18.59 18.81
CA VAL A 162 13.98 -18.23 17.42
C VAL A 162 15.14 -17.29 17.17
N SER A 163 15.37 -17.06 15.90
CA SER A 163 16.52 -16.27 15.53
C SER A 163 16.24 -15.54 14.24
N ASN A 164 16.59 -14.27 14.23
CA ASN A 164 16.44 -13.44 13.09
C ASN A 164 14.96 -13.17 12.79
N PHE A 165 14.13 -13.27 13.81
CA PHE A 165 12.66 -13.02 13.68
C PHE A 165 12.30 -11.55 13.81
N THR A 166 11.42 -11.10 12.92
CA THR A 166 10.81 -9.78 13.02
C THR A 166 9.65 -9.89 14.02
N ILE A 167 9.12 -8.75 14.42
CA ILE A 167 7.89 -8.71 15.21
C ILE A 167 6.78 -9.52 14.60
N GLU A 168 6.55 -9.37 13.30
CA GLU A 168 5.43 -10.15 12.66
C GLU A 168 5.72 -11.65 12.68
N ASN A 169 6.99 -12.02 12.51
CA ASN A 169 7.41 -13.41 12.64
C ASN A 169 7.14 -13.93 14.07
N LEU A 170 7.44 -13.11 15.07
CA LEU A 170 7.08 -13.47 16.44
C LEU A 170 5.58 -13.59 16.61
N LYS A 171 4.80 -12.63 16.08
CA LYS A 171 3.36 -12.69 16.20
C LYS A 171 2.82 -13.97 15.56
N SER A 172 3.45 -14.50 14.52
CA SER A 172 2.87 -15.74 13.93
C SER A 172 2.77 -16.80 15.01
N ILE A 173 3.78 -16.87 15.88
CA ILE A 173 3.80 -17.90 16.90
C ILE A 173 2.95 -17.56 18.16
N LEU A 174 3.10 -16.33 18.65
CA LEU A 174 2.35 -15.83 19.81
C LEU A 174 0.86 -15.86 19.55
N ASP A 175 0.43 -15.44 18.34
CA ASP A 175 -1.00 -15.46 17.98
C ASP A 175 -1.60 -16.86 17.75
N ALA A 176 -0.77 -17.87 17.47
CA ALA A 176 -1.29 -19.24 17.33
C ALA A 176 -1.59 -19.82 18.70
N ASN A 177 -2.28 -20.94 18.71
CA ASN A 177 -2.58 -21.55 19.98
C ASN A 177 -1.49 -22.52 20.21
N THR A 178 -0.64 -22.15 21.17
CA THR A 178 0.59 -22.88 21.42
C THR A 178 0.78 -23.19 22.91
N ASP A 179 1.57 -24.21 23.19
CA ASP A 179 2.00 -24.53 24.54
C ASP A 179 2.85 -23.43 25.18
N SER A 180 3.88 -22.95 24.49
CA SER A 180 4.79 -21.97 25.12
C SER A 180 5.29 -20.99 24.08
N ILE A 181 5.96 -19.94 24.54
CA ILE A 181 6.46 -18.97 23.60
C ILE A 181 7.96 -18.90 23.59
N PRO A 182 8.52 -18.29 22.51
CA PRO A 182 9.95 -18.33 22.39
C PRO A 182 10.52 -17.61 23.58
N VAL A 183 11.63 -18.14 24.11
CA VAL A 183 12.26 -17.43 25.23
C VAL A 183 13.44 -16.52 24.84
N VAL A 184 13.87 -16.65 23.58
CA VAL A 184 15.02 -15.98 23.02
C VAL A 184 14.71 -15.67 21.57
N ASN A 185 15.24 -14.52 21.11
CA ASN A 185 15.30 -14.19 19.74
C ASN A 185 16.75 -13.71 19.55
N GLN A 186 17.53 -14.52 18.83
CA GLN A 186 18.90 -14.22 18.59
C GLN A 186 19.00 -13.45 17.31
N ILE A 187 19.43 -12.18 17.41
CA ILE A 187 19.51 -11.28 16.24
C ILE A 187 20.94 -10.60 16.14
N GLU A 188 21.29 -10.08 14.93
CA GLU A 188 22.43 -9.19 14.81
C GLU A 188 22.11 -7.99 15.60
N PHE A 189 23.02 -7.68 16.50
CA PHE A 189 22.85 -6.45 17.31
C PHE A 189 24.19 -5.88 17.74
N SER A 190 24.38 -4.58 17.52
CA SER A 190 25.64 -3.87 17.86
C SER A 190 25.29 -2.39 17.97
N ALA A 191 26.22 -1.58 18.48
CA ALA A 191 26.00 -0.12 18.55
C ALA A 191 25.66 0.56 17.17
N TYR A 192 26.16 -0.06 16.11
CA TYR A 192 25.81 0.33 14.72
C TYR A 192 24.57 -0.39 14.16
N LEU A 193 23.90 -1.20 14.97
CA LEU A 193 22.70 -1.88 14.51
C LEU A 193 21.75 -2.13 15.66
N GLN A 194 21.05 -1.08 16.13
CA GLN A 194 20.29 -1.26 17.40
C GLN A 194 18.92 -1.94 17.29
N ASP A 195 18.53 -2.21 16.03
CA ASP A 195 17.26 -2.84 15.73
C ASP A 195 17.36 -3.52 14.40
N GLN A 196 17.61 -4.85 14.43
CA GLN A 196 17.88 -5.62 13.23
C GLN A 196 16.73 -5.41 12.25
N THR A 197 15.51 -5.43 12.82
CA THR A 197 14.27 -5.09 12.11
C THR A 197 13.46 -4.21 13.08
N PRO A 198 12.48 -3.48 12.56
CA PRO A 198 11.96 -2.33 13.27
C PRO A 198 11.34 -2.68 14.58
N GLY A 199 11.72 -1.95 15.62
CA GLY A 199 11.26 -2.19 17.00
C GLY A 199 11.51 -3.56 17.63
N ILE A 200 12.31 -4.40 16.98
CA ILE A 200 12.46 -5.77 17.48
C ILE A 200 13.00 -5.95 18.94
N VAL A 201 14.04 -5.21 19.31
CA VAL A 201 14.64 -5.30 20.63
C VAL A 201 13.54 -4.85 21.65
N GLU A 202 12.84 -3.78 21.35
CA GLU A 202 11.94 -3.19 22.33
C GLU A 202 10.72 -4.06 22.48
N TYR A 203 10.26 -4.61 21.35
CA TYR A 203 9.02 -5.37 21.42
C TYR A 203 9.27 -6.68 22.21
N SER A 204 10.40 -7.31 21.91
CA SER A 204 10.83 -8.60 22.49
C SER A 204 11.09 -8.41 23.94
N GLN A 205 11.77 -7.33 24.28
CA GLN A 205 12.08 -7.13 25.69
C GLN A 205 10.76 -6.91 26.46
N GLN A 206 9.81 -6.24 25.86
CA GLN A 206 8.58 -5.94 26.59
C GLN A 206 7.79 -7.25 26.83
N GLN A 207 7.79 -8.13 25.84
CA GLN A 207 7.17 -9.46 25.95
C GLN A 207 7.93 -10.39 26.85
N GLY A 208 9.13 -10.04 27.30
CA GLY A 208 9.93 -10.94 28.14
C GLY A 208 10.76 -11.97 27.39
N ILE A 209 10.91 -11.78 26.07
CA ILE A 209 11.80 -12.59 25.25
C ILE A 209 13.25 -12.01 25.37
N LEU A 210 14.23 -12.84 25.77
CA LEU A 210 15.60 -12.33 25.84
C LEU A 210 16.18 -12.14 24.44
N ILE A 211 16.82 -11.00 24.22
CA ILE A 211 17.57 -10.80 22.99
C ILE A 211 19.01 -11.28 23.15
N GLU A 212 19.48 -12.16 22.26
CA GLU A 212 20.90 -12.42 22.21
C GLU A 212 21.45 -11.65 20.97
N ALA A 213 22.64 -11.11 21.15
CA ALA A 213 23.19 -10.28 20.11
C ALA A 213 24.33 -10.97 19.45
N TYR A 214 24.17 -11.27 18.18
CA TYR A 214 25.41 -11.66 17.47
C TYR A 214 25.96 -10.49 16.69
N GLY A 215 27.17 -10.64 16.20
CA GLY A 215 27.93 -9.57 15.52
C GLY A 215 28.11 -8.31 16.33
N PRO A 216 28.22 -8.42 17.68
CA PRO A 216 28.31 -7.18 18.53
C PRO A 216 29.55 -6.29 18.35
N LEU A 217 30.61 -6.88 17.81
CA LEU A 217 31.81 -6.14 17.60
C LEU A 217 31.87 -5.54 16.18
N GLY A 218 30.78 -5.66 15.40
CA GLY A 218 30.75 -5.01 14.05
C GLY A 218 31.43 -3.64 13.93
N PRO A 219 31.14 -2.74 14.87
CA PRO A 219 31.64 -1.35 14.83
C PRO A 219 33.13 -1.27 14.71
N ILE A 220 33.79 -2.31 15.25
CA ILE A 220 35.23 -2.37 15.43
C ILE A 220 35.80 -3.27 14.39
N THR A 221 35.11 -4.38 14.10
CA THR A 221 35.60 -5.36 13.10
C THR A 221 35.38 -4.97 11.66
N GLN A 222 34.22 -4.36 11.38
CA GLN A 222 33.94 -3.90 10.03
C GLN A 222 33.55 -2.46 9.88
N GLY A 223 33.39 -1.74 11.00
CA GLY A 223 32.82 -0.41 11.01
C GLY A 223 33.80 0.77 11.03
N ARG A 224 35.10 0.47 11.14
CA ARG A 224 36.19 1.47 11.12
C ARG A 224 36.48 1.95 9.66
N PRO A 225 36.68 3.28 9.42
CA PRO A 225 36.46 4.43 10.32
C PRO A 225 34.96 4.75 10.41
N GLY A 226 34.51 5.11 11.59
CA GLY A 226 33.17 5.61 11.78
C GLY A 226 33.09 6.37 13.08
N PRO A 227 31.94 6.99 13.35
CA PRO A 227 31.75 7.96 14.46
C PRO A 227 31.99 7.38 15.87
N LEU A 228 32.00 6.07 16.02
CA LEU A 228 32.29 5.48 17.34
C LEU A 228 33.82 5.43 17.70
N ASP A 229 34.67 5.53 16.67
CA ASP A 229 36.12 5.43 16.92
C ASP A 229 36.58 6.45 17.96
N LYS A 230 36.20 7.71 17.79
CA LYS A 230 36.58 8.72 18.75
C LYS A 230 36.01 8.42 20.15
N VAL A 231 34.80 7.85 20.23
CA VAL A 231 34.11 7.66 21.51
C VAL A 231 34.73 6.49 22.25
N LEU A 232 34.92 5.38 21.53
CA LEU A 232 35.55 4.19 22.08
C LEU A 232 37.01 4.43 22.51
N SER A 233 37.72 5.24 21.72
CA SER A 233 39.12 5.57 22.02
C SER A 233 39.21 6.26 23.40
N LYS A 234 38.42 7.33 23.58
CA LYS A 234 38.26 8.00 24.89
C LYS A 234 37.80 7.06 26.06
N LEU A 235 36.85 6.17 25.84
CA LEU A 235 36.42 5.34 26.99
C LEU A 235 37.42 4.22 27.32
N SER A 236 38.16 3.76 26.31
CA SER A 236 39.23 2.78 26.50
C SER A 236 40.34 3.30 27.42
N GLU A 237 40.71 4.55 27.19
CA GLU A 237 41.68 5.26 28.03
C GLU A 237 41.15 5.40 29.45
N LYS A 238 39.93 5.92 29.60
CA LYS A 238 39.30 6.14 30.92
C LYS A 238 39.04 4.85 31.74
N TYR A 239 38.59 3.79 31.08
CA TYR A 239 38.25 2.53 31.79
C TYR A 239 39.42 1.59 31.96
N LYS A 240 40.46 1.79 31.14
CA LYS A 240 41.56 0.85 31.08
C LYS A 240 41.01 -0.50 30.64
N ARG A 241 40.27 -0.46 29.54
CA ARG A 241 39.62 -1.65 28.96
C ARG A 241 39.77 -1.45 27.44
N ASN A 242 39.97 -2.51 26.67
CA ASN A 242 40.00 -2.31 25.18
C ASN A 242 38.63 -2.06 24.53
N GLU A 243 38.61 -1.60 23.29
CA GLU A 243 37.38 -1.19 22.64
C GLU A 243 36.34 -2.34 22.49
N GLY A 244 36.79 -3.54 22.13
CA GLY A 244 35.98 -4.76 22.13
C GLY A 244 35.28 -4.94 23.47
N GLN A 245 36.03 -4.83 24.55
CA GLN A 245 35.46 -4.96 25.90
C GLN A 245 34.35 -3.96 26.24
N ILE A 246 34.59 -2.68 25.94
CA ILE A 246 33.62 -1.60 26.06
C ILE A 246 32.36 -1.89 25.24
N LEU A 247 32.49 -2.32 24.01
CA LEU A 247 31.32 -2.64 23.22
C LEU A 247 30.51 -3.80 23.84
N LEU A 248 31.19 -4.77 24.41
CA LEU A 248 30.45 -5.95 24.84
C LEU A 248 29.76 -5.66 26.11
N ARG A 249 30.42 -4.87 26.97
CA ARG A 249 29.86 -4.43 28.23
C ARG A 249 28.62 -3.63 27.97
N TRP A 250 28.72 -2.75 26.98
CA TRP A 250 27.62 -1.90 26.56
C TRP A 250 26.48 -2.79 26.09
N VAL A 251 26.79 -3.89 25.39
CA VAL A 251 25.64 -4.75 24.99
C VAL A 251 24.88 -5.26 26.24
N LEU A 252 25.63 -5.74 27.21
CA LEU A 252 25.12 -6.24 28.49
C LEU A 252 24.32 -5.23 29.27
N GLN A 253 24.75 -3.98 29.21
CA GLN A 253 24.05 -2.91 29.88
C GLN A 253 22.75 -2.55 29.15
N ARG A 254 22.65 -2.84 27.85
CA ARG A 254 21.33 -2.79 27.22
C ARG A 254 20.44 -3.97 27.61
N GLY A 255 20.84 -4.85 28.55
CA GLY A 255 20.00 -6.05 28.85
C GLY A 255 20.09 -7.14 27.77
N ILE A 256 21.17 -7.20 27.01
CA ILE A 256 21.24 -8.15 25.89
C ILE A 256 22.43 -9.10 26.15
N LEU A 257 22.33 -10.35 25.68
CA LEU A 257 23.34 -11.38 25.83
C LEU A 257 24.25 -11.42 24.56
N PRO A 258 25.49 -10.90 24.64
CA PRO A 258 26.40 -10.86 23.49
C PRO A 258 27.01 -12.24 23.18
N ILE A 259 27.09 -12.59 21.89
CA ILE A 259 27.69 -13.85 21.45
C ILE A 259 28.87 -13.42 20.62
N THR A 260 30.08 -13.74 21.07
CA THR A 260 31.27 -13.50 20.24
C THR A 260 32.01 -14.76 19.92
N THR A 261 33.16 -14.61 19.30
CA THR A 261 34.06 -15.72 19.07
C THR A 261 35.46 -15.17 18.78
N THR A 262 36.46 -16.04 18.76
CA THR A 262 37.85 -15.61 18.55
C THR A 262 38.66 -16.87 18.36
N SER A 263 39.82 -16.73 17.76
CA SER A 263 40.84 -17.80 17.73
C SER A 263 42.08 -17.44 18.59
N LYS A 264 42.02 -16.33 19.32
CA LYS A 264 43.17 -15.82 20.08
C LYS A 264 42.95 -15.97 21.59
N GLU A 265 43.94 -16.57 22.29
CA GLU A 265 43.85 -16.86 23.75
C GLU A 265 43.58 -15.62 24.57
N GLU A 266 44.26 -14.52 24.24
CA GLU A 266 44.16 -13.32 25.05
C GLU A 266 42.79 -12.74 24.95
N ARG A 267 42.12 -12.93 23.83
CA ARG A 267 40.77 -12.46 23.70
C ARG A 267 39.78 -13.29 24.54
N ILE A 268 40.04 -14.58 24.75
CA ILE A 268 39.20 -15.36 25.72
C ILE A 268 39.11 -14.62 27.08
N ASN A 269 40.29 -14.23 27.60
CA ASN A 269 40.27 -13.50 28.84
C ASN A 269 39.73 -12.08 28.74
N ASP A 270 39.93 -11.41 27.61
CA ASP A 270 39.38 -10.09 27.53
C ASP A 270 37.84 -10.21 27.71
N VAL A 271 37.25 -11.19 27.02
CA VAL A 271 35.78 -11.26 26.93
C VAL A 271 35.24 -11.54 28.31
N LEU A 272 35.89 -12.47 29.02
CA LEU A 272 35.41 -12.90 30.31
C LEU A 272 35.58 -11.81 31.35
N GLU A 273 36.36 -10.80 31.06
CA GLU A 273 36.48 -9.72 32.03
C GLU A 273 35.41 -8.61 31.91
N ILE A 274 34.47 -8.77 30.98
CA ILE A 274 33.41 -7.78 30.86
C ILE A 274 32.50 -7.71 32.08
N PHE A 275 32.51 -8.74 32.92
CA PHE A 275 31.74 -8.69 34.20
C PHE A 275 32.42 -8.03 35.39
N ASP A 276 33.70 -7.66 35.23
CA ASP A 276 34.48 -7.01 36.31
C ASP A 276 34.41 -5.48 36.28
N PHE A 277 33.69 -4.92 35.33
CA PHE A 277 33.52 -3.47 35.29
C PHE A 277 32.15 -3.07 34.75
N GLU A 278 31.82 -1.77 34.91
CA GLU A 278 30.51 -1.13 34.61
C GLU A 278 30.82 0.14 33.84
N LEU A 279 30.05 0.46 32.80
CA LEU A 279 30.18 1.73 32.15
C LEU A 279 29.23 2.69 32.87
N ASP A 280 29.70 3.91 33.20
CA ASP A 280 28.84 4.98 33.70
C ASP A 280 27.66 5.18 32.76
N LYS A 281 26.48 5.45 33.33
CA LYS A 281 25.28 5.67 32.53
C LYS A 281 25.50 6.65 31.37
N GLU A 282 26.16 7.75 31.68
CA GLU A 282 26.48 8.77 30.70
C GLU A 282 27.33 8.24 29.51
N ASP A 283 28.26 7.33 29.79
CA ASP A 283 29.11 6.78 28.74
C ASP A 283 28.33 5.73 27.94
N GLU A 284 27.51 4.95 28.64
CA GLU A 284 26.61 4.01 27.97
C GLU A 284 25.74 4.77 26.99
N ASP A 285 25.19 5.89 27.45
CA ASP A 285 24.26 6.64 26.66
C ASP A 285 24.92 7.29 25.45
N GLN A 286 26.19 7.68 25.58
CA GLN A 286 26.90 8.28 24.46
C GLN A 286 27.16 7.22 23.36
N ILE A 287 27.42 5.97 23.77
CA ILE A 287 27.60 4.90 22.79
C ILE A 287 26.28 4.67 22.02
N THR A 288 25.16 4.68 22.74
CA THR A 288 23.92 4.35 22.10
C THR A 288 23.56 5.48 21.08
N LYS A 289 23.71 6.75 21.53
CA LYS A 289 23.53 7.95 20.68
C LYS A 289 24.48 7.96 19.49
N VAL A 290 25.77 7.74 19.74
CA VAL A 290 26.71 7.91 18.64
C VAL A 290 26.67 6.74 17.68
N GLY A 291 26.41 5.55 18.22
CA GLY A 291 25.98 4.36 17.46
C GLY A 291 24.96 4.55 16.32
N LYS A 292 23.96 5.35 16.61
CA LYS A 292 22.89 5.66 15.70
C LYS A 292 23.28 6.48 14.53
N GLU A 293 24.46 7.13 14.62
CA GLU A 293 24.97 7.89 13.49
C GLU A 293 25.35 7.03 12.30
N LYS A 294 25.68 5.77 12.53
CA LYS A 294 26.05 4.91 11.43
C LYS A 294 25.39 3.55 11.58
N THR A 295 25.01 3.02 10.43
CA THR A 295 24.35 1.77 10.30
C THR A 295 25.28 0.75 9.65
N LEU A 296 25.54 -0.37 10.34
CA LEU A 296 26.35 -1.44 9.80
C LEU A 296 25.64 -2.79 9.99
N ARG A 297 25.35 -3.46 8.88
CA ARG A 297 24.60 -4.72 8.92
C ARG A 297 25.45 -5.77 8.27
N GLN A 298 25.91 -6.76 9.01
CA GLN A 298 26.78 -7.78 8.36
C GLN A 298 26.04 -9.03 7.91
N PHE A 299 24.86 -9.30 8.51
CA PHE A 299 24.18 -10.58 8.26
C PHE A 299 22.68 -10.35 7.90
N SER A 300 22.02 -11.37 7.38
CA SER A 300 20.59 -11.26 7.06
C SER A 300 20.31 -10.00 6.23
N LYS A 301 21.08 -9.84 5.15
CA LYS A 301 21.05 -8.59 4.38
C LYS A 301 19.74 -8.37 3.61
N GLU A 302 18.80 -9.33 3.65
CA GLU A 302 17.48 -9.09 3.07
C GLU A 302 16.81 -8.03 3.89
N TYR A 303 17.33 -7.78 5.09
CA TYR A 303 16.74 -6.77 5.97
C TYR A 303 17.29 -5.37 5.71
N SER A 304 18.15 -5.24 4.70
CA SER A 304 18.85 -3.97 4.47
C SER A 304 17.94 -2.81 4.01
N LYS A 305 16.80 -3.13 3.36
CA LYS A 305 15.74 -2.12 3.08
C LYS A 305 15.33 -1.28 4.30
N TYR A 306 15.59 -1.77 5.51
CA TYR A 306 15.26 -1.02 6.73
C TYR A 306 16.37 0.03 7.05
N ASP A 307 17.51 -0.08 6.41
CA ASP A 307 18.57 0.83 6.75
C ASP A 307 18.50 2.09 5.92
N LYS B 9 -29.89 1.06 -37.06
CA LYS B 9 -30.41 0.95 -35.64
C LYS B 9 -29.81 -0.25 -34.86
N GLU B 10 -28.57 -0.61 -35.17
CA GLU B 10 -27.98 -1.77 -34.54
C GLU B 10 -26.55 -1.46 -34.24
N PHE B 11 -26.00 -2.13 -33.25
CA PHE B 11 -24.55 -2.25 -33.13
C PHE B 11 -24.08 -3.56 -33.69
N LYS B 12 -22.84 -3.61 -34.18
CA LYS B 12 -22.19 -4.87 -34.60
C LYS B 12 -21.18 -5.27 -33.51
N LEU B 13 -21.40 -6.40 -32.84
CA LEU B 13 -20.47 -6.91 -31.87
C LEU B 13 -19.23 -7.46 -32.56
N SER B 14 -18.28 -7.89 -31.77
CA SER B 14 -16.95 -8.16 -32.24
C SER B 14 -16.88 -9.55 -32.98
N ASN B 15 -17.87 -10.42 -32.75
CA ASN B 15 -18.05 -11.69 -33.48
C ASN B 15 -18.94 -11.53 -34.75
N GLY B 16 -19.29 -10.30 -35.11
CA GLY B 16 -19.99 -10.02 -36.36
C GLY B 16 -21.49 -10.05 -36.16
N ASN B 17 -21.95 -10.54 -35.00
CA ASN B 17 -23.39 -10.50 -34.72
C ASN B 17 -23.90 -9.07 -34.44
N LYS B 18 -25.16 -8.85 -34.80
CA LYS B 18 -25.77 -7.54 -34.63
C LYS B 18 -26.62 -7.50 -33.38
N ILE B 19 -26.74 -6.34 -32.80
CA ILE B 19 -27.58 -6.17 -31.63
C ILE B 19 -28.42 -4.88 -31.74
N PRO B 20 -29.73 -4.93 -31.49
CA PRO B 20 -30.49 -3.66 -31.60
C PRO B 20 -30.02 -2.61 -30.60
N ALA B 21 -29.91 -1.36 -31.11
CA ALA B 21 -29.14 -0.29 -30.50
C ALA B 21 -29.77 0.40 -29.31
N VAL B 22 -31.03 0.06 -29.00
CA VAL B 22 -31.68 0.48 -27.76
C VAL B 22 -32.41 -0.76 -27.22
N ALA B 23 -32.48 -0.87 -25.90
CA ALA B 23 -33.15 -1.99 -25.24
C ALA B 23 -34.12 -1.49 -24.17
N PHE B 24 -35.20 -2.27 -24.03
CA PHE B 24 -36.24 -2.07 -23.02
C PHE B 24 -35.92 -2.95 -21.84
N GLY B 25 -35.68 -2.35 -20.68
CA GLY B 25 -35.26 -3.16 -19.56
C GLY B 25 -36.42 -3.60 -18.72
N THR B 26 -36.24 -4.75 -18.03
CA THR B 26 -37.28 -5.35 -17.14
C THR B 26 -36.87 -5.53 -15.66
N GLY B 27 -35.92 -4.69 -15.22
CA GLY B 27 -35.31 -4.73 -13.87
C GLY B 27 -35.78 -3.46 -13.20
N THR B 28 -34.87 -2.77 -12.51
CA THR B 28 -35.22 -1.53 -11.79
C THR B 28 -36.72 -1.39 -11.43
N LYS B 29 -37.44 -0.48 -12.08
CA LYS B 29 -38.90 -0.29 -11.98
C LYS B 29 -39.71 -1.58 -11.68
N TYR B 30 -39.35 -2.67 -12.35
CA TYR B 30 -40.09 -3.97 -12.38
C TYR B 30 -39.42 -5.12 -11.63
N PHE B 31 -38.14 -4.96 -11.30
CA PHE B 31 -37.45 -5.86 -10.37
C PHE B 31 -38.39 -6.16 -9.15
N LYS B 32 -38.76 -7.43 -9.00
CA LYS B 32 -39.68 -7.89 -7.97
C LYS B 32 -39.03 -8.03 -6.60
N ARG B 33 -39.58 -7.36 -5.58
CA ARG B 33 -39.07 -7.45 -4.19
C ARG B 33 -39.58 -8.71 -3.48
N LEU B 38 -47.22 -12.41 -10.77
CA LEU B 38 -47.21 -12.14 -12.20
C LEU B 38 -47.70 -10.74 -12.50
N ASP B 39 -46.86 -9.93 -13.15
CA ASP B 39 -47.09 -8.47 -13.24
C ASP B 39 -47.78 -8.08 -14.57
N LYS B 40 -49.10 -8.05 -14.58
CA LYS B 40 -49.86 -7.77 -15.80
C LYS B 40 -49.61 -6.44 -16.49
N GLN B 41 -49.35 -5.38 -15.72
CA GLN B 41 -48.96 -4.11 -16.31
C GLN B 41 -47.65 -4.34 -17.10
N LEU B 42 -46.62 -4.90 -16.47
CA LEU B 42 -45.37 -5.22 -17.17
C LEU B 42 -45.67 -5.89 -18.50
N ILE B 43 -46.42 -6.98 -18.46
CA ILE B 43 -46.79 -7.73 -19.62
C ILE B 43 -47.43 -6.88 -20.73
N GLY B 44 -48.42 -6.07 -20.32
CA GLY B 44 -49.12 -5.17 -21.18
C GLY B 44 -48.13 -4.21 -21.78
N THR B 45 -47.23 -3.71 -20.94
CA THR B 45 -46.27 -2.71 -21.42
C THR B 45 -45.22 -3.31 -22.37
N LEU B 46 -44.87 -4.59 -22.19
CA LEU B 46 -43.88 -5.24 -23.08
C LEU B 46 -44.52 -5.52 -24.43
N GLU B 47 -45.82 -5.81 -24.41
CA GLU B 47 -46.55 -5.99 -25.66
C GLU B 47 -46.54 -4.70 -26.45
N LEU B 48 -46.92 -3.60 -25.80
CA LEU B 48 -46.83 -2.27 -26.43
C LEU B 48 -45.44 -1.90 -26.96
N ALA B 49 -44.42 -2.04 -26.11
CA ALA B 49 -43.02 -1.86 -26.53
C ALA B 49 -42.75 -2.65 -27.81
N LEU B 50 -43.12 -3.92 -27.83
CA LEU B 50 -42.77 -4.76 -28.97
C LEU B 50 -43.49 -4.27 -30.19
N ARG B 51 -44.83 -4.20 -30.09
CA ARG B 51 -45.64 -3.71 -31.21
C ARG B 51 -45.21 -2.36 -31.71
N SER B 52 -44.81 -1.45 -30.82
CA SER B 52 -44.34 -0.11 -31.26
C SER B 52 -42.99 -0.17 -32.03
N GLY B 53 -42.26 -1.29 -31.95
CA GLY B 53 -40.93 -1.38 -32.59
C GLY B 53 -39.67 -1.65 -31.74
N PHE B 54 -39.81 -1.85 -30.42
CA PHE B 54 -38.69 -2.40 -29.65
C PHE B 54 -38.42 -3.84 -30.08
N ARG B 55 -37.15 -4.18 -30.19
CA ARG B 55 -36.73 -5.51 -30.60
C ARG B 55 -35.72 -6.13 -29.59
N HIS B 56 -35.29 -5.35 -28.61
CA HIS B 56 -34.30 -5.79 -27.66
C HIS B 56 -34.89 -5.62 -26.24
N ILE B 57 -35.08 -6.75 -25.56
CA ILE B 57 -35.55 -6.78 -24.16
C ILE B 57 -34.39 -7.20 -23.26
N ASP B 58 -34.11 -6.40 -22.24
CA ASP B 58 -33.11 -6.70 -21.27
C ASP B 58 -33.73 -7.29 -20.00
N GLY B 59 -33.42 -8.54 -19.72
CA GLY B 59 -33.90 -9.19 -18.49
C GLY B 59 -32.79 -9.81 -17.65
N ALA B 60 -33.17 -10.54 -16.61
CA ALA B 60 -32.14 -11.19 -15.75
C ALA B 60 -32.86 -12.13 -14.79
N GLU B 61 -32.15 -13.16 -14.38
CA GLU B 61 -32.64 -14.18 -13.51
C GLU B 61 -33.22 -13.56 -12.20
N ILE B 62 -32.50 -12.59 -11.67
CA ILE B 62 -32.77 -12.09 -10.35
C ILE B 62 -34.02 -11.19 -10.43
N TYR B 63 -34.34 -10.73 -11.63
CA TYR B 63 -35.45 -9.76 -11.78
C TYR B 63 -36.79 -10.34 -11.41
N GLY B 64 -37.01 -11.61 -11.73
CA GLY B 64 -38.29 -12.26 -11.47
C GLY B 64 -39.27 -11.96 -12.58
N THR B 65 -38.78 -11.50 -13.73
CA THR B 65 -39.63 -11.06 -14.83
C THR B 65 -39.48 -11.90 -16.10
N ASN B 66 -38.57 -12.88 -16.12
CA ASN B 66 -38.50 -13.72 -17.32
C ASN B 66 -39.79 -14.34 -17.79
N LYS B 67 -40.60 -14.84 -16.86
CA LYS B 67 -41.92 -15.30 -17.26
C LYS B 67 -42.72 -14.24 -18.02
N GLU B 68 -42.76 -12.98 -17.51
CA GLU B 68 -43.56 -11.91 -18.17
C GLU B 68 -43.05 -11.66 -19.58
N ILE B 69 -41.74 -11.85 -19.75
CA ILE B 69 -41.14 -11.67 -21.05
C ILE B 69 -41.66 -12.78 -21.98
N GLY B 70 -41.63 -14.03 -21.52
CA GLY B 70 -42.16 -15.14 -22.33
C GLY B 70 -43.58 -14.90 -22.81
N ILE B 71 -44.41 -14.39 -21.91
CA ILE B 71 -45.81 -14.27 -22.18
C ILE B 71 -46.02 -13.20 -23.20
N ALA B 72 -45.40 -12.04 -23.00
CA ALA B 72 -45.52 -10.96 -23.93
C ALA B 72 -45.10 -11.40 -25.36
N LEU B 73 -43.93 -12.05 -25.44
CA LEU B 73 -43.34 -12.45 -26.71
C LEU B 73 -44.27 -13.41 -27.44
N LYS B 74 -44.76 -14.42 -26.73
CA LYS B 74 -45.78 -15.31 -27.28
C LYS B 74 -47.09 -14.59 -27.72
N ASN B 75 -47.54 -13.62 -26.90
CA ASN B 75 -48.69 -12.79 -27.25
C ASN B 75 -48.48 -11.97 -28.55
N VAL B 76 -47.36 -11.25 -28.68
CA VAL B 76 -47.13 -10.47 -29.90
C VAL B 76 -46.90 -11.42 -31.10
N GLY B 77 -46.24 -12.54 -30.84
CA GLY B 77 -45.90 -13.51 -31.85
C GLY B 77 -44.99 -13.00 -32.96
N LEU B 78 -44.04 -12.12 -32.66
CA LEU B 78 -43.02 -11.79 -33.65
C LEU B 78 -42.14 -12.99 -33.96
N ASN B 79 -41.64 -13.07 -35.20
CA ASN B 79 -40.62 -14.10 -35.49
C ASN B 79 -39.43 -14.04 -34.48
N ARG B 80 -38.95 -15.21 -34.08
CA ARG B 80 -37.90 -15.28 -33.07
C ARG B 80 -36.63 -14.59 -33.58
N LYS B 81 -36.38 -14.66 -34.91
CA LYS B 81 -35.17 -14.06 -35.52
C LYS B 81 -35.23 -12.55 -35.45
N ASP B 82 -36.41 -12.00 -35.18
CA ASP B 82 -36.62 -10.55 -35.17
C ASP B 82 -36.35 -9.88 -33.86
N VAL B 83 -36.22 -10.68 -32.81
CA VAL B 83 -36.11 -10.19 -31.41
C VAL B 83 -34.77 -10.57 -30.80
N PHE B 84 -34.27 -9.70 -29.97
CA PHE B 84 -33.02 -9.92 -29.24
C PHE B 84 -33.31 -9.96 -27.76
N ILE B 85 -33.17 -11.13 -27.16
CA ILE B 85 -33.44 -11.27 -25.70
C ILE B 85 -32.13 -11.41 -24.91
N THR B 86 -31.96 -10.55 -23.93
CA THR B 86 -30.83 -10.69 -23.00
C THR B 86 -31.33 -11.26 -21.69
N ASP B 87 -30.56 -12.24 -21.18
CA ASP B 87 -30.70 -12.73 -19.79
C ASP B 87 -29.39 -12.61 -19.05
N LYS B 88 -29.48 -12.70 -17.73
CA LYS B 88 -28.32 -12.62 -16.87
C LYS B 88 -28.36 -13.63 -15.73
N TYR B 89 -27.21 -14.26 -15.53
CA TYR B 89 -27.04 -15.20 -14.47
C TYR B 89 -26.88 -14.45 -13.14
N ASN B 90 -27.69 -14.80 -12.16
CA ASN B 90 -27.66 -14.20 -10.83
C ASN B 90 -26.42 -14.69 -10.07
N SER B 91 -25.29 -14.03 -10.28
CA SER B 91 -24.06 -14.45 -9.66
C SER B 91 -23.85 -14.00 -8.20
N GLY B 92 -24.67 -13.08 -7.69
CA GLY B 92 -24.55 -12.63 -6.27
C GLY B 92 -24.05 -11.22 -6.09
N ASN B 93 -24.12 -10.65 -4.89
CA ASN B 93 -23.67 -9.32 -4.65
C ASN B 93 -22.21 -9.30 -4.15
N HIS B 94 -21.67 -8.10 -3.94
CA HIS B 94 -20.24 -7.87 -3.62
C HIS B 94 -19.86 -8.47 -2.26
N THR B 95 -20.86 -8.91 -1.48
CA THR B 95 -20.57 -9.57 -0.20
C THR B 95 -20.06 -11.02 -0.29
N TYR B 96 -20.24 -11.67 -1.44
CA TYR B 96 -19.94 -13.10 -1.64
C TYR B 96 -20.61 -13.99 -0.60
N ASP B 97 -21.80 -13.60 -0.13
CA ASP B 97 -22.50 -14.30 1.01
C ASP B 97 -23.14 -15.66 0.63
N GLY B 98 -23.18 -15.99 -0.65
CA GLY B 98 -23.74 -17.27 -1.06
C GLY B 98 -25.19 -17.15 -1.46
N LYS B 99 -25.73 -15.94 -1.42
CA LYS B 99 -27.06 -15.70 -1.93
C LYS B 99 -26.86 -15.31 -3.37
N HIS B 100 -27.51 -16.03 -4.25
CA HIS B 100 -27.30 -15.89 -5.71
C HIS B 100 -28.20 -16.93 -6.37
N SER B 101 -27.93 -17.33 -7.62
CA SER B 101 -28.78 -18.31 -8.30
C SER B 101 -29.04 -19.53 -7.41
N LYS B 102 -30.24 -20.07 -7.45
CA LYS B 102 -30.52 -21.38 -6.83
C LYS B 102 -30.01 -22.55 -7.69
N HIS B 103 -29.67 -22.32 -8.96
CA HIS B 103 -29.08 -23.37 -9.78
C HIS B 103 -27.60 -23.56 -9.50
N GLN B 104 -27.11 -24.70 -9.90
CA GLN B 104 -25.80 -25.09 -9.52
C GLN B 104 -24.73 -24.25 -10.18
N ASN B 105 -25.05 -23.74 -11.37
CA ASN B 105 -24.08 -23.04 -12.19
C ASN B 105 -24.82 -22.24 -13.32
N PRO B 106 -24.11 -21.38 -14.10
CA PRO B 106 -24.81 -20.57 -15.13
C PRO B 106 -25.43 -21.35 -16.27
N TYR B 107 -24.82 -22.45 -16.68
CA TYR B 107 -25.35 -23.33 -17.69
C TYR B 107 -26.70 -23.83 -17.25
N ASN B 108 -26.77 -24.36 -16.02
CA ASN B 108 -28.07 -24.82 -15.52
C ASN B 108 -29.05 -23.66 -15.27
N ALA B 109 -28.54 -22.52 -14.78
CA ALA B 109 -29.38 -21.39 -14.46
C ALA B 109 -30.04 -20.93 -15.77
N LEU B 110 -29.30 -20.97 -16.88
CA LEU B 110 -29.90 -20.58 -18.16
C LEU B 110 -31.01 -21.54 -18.67
N LYS B 111 -30.82 -22.83 -18.49
CA LYS B 111 -31.81 -23.78 -19.01
C LYS B 111 -33.14 -23.53 -18.31
N ALA B 112 -33.08 -23.24 -17.01
CA ALA B 112 -34.28 -23.00 -16.21
C ALA B 112 -34.88 -21.71 -16.65
N ASP B 113 -34.04 -20.68 -16.87
CA ASP B 113 -34.57 -19.43 -17.41
C ASP B 113 -35.25 -19.61 -18.80
N LEU B 114 -34.67 -20.44 -19.66
CA LEU B 114 -35.24 -20.65 -20.98
C LEU B 114 -36.66 -21.26 -20.93
N GLU B 115 -36.82 -22.23 -20.05
CA GLU B 115 -38.15 -22.69 -19.68
C GLU B 115 -39.07 -21.58 -19.20
N ASP B 116 -38.65 -20.73 -18.27
CA ASP B 116 -39.53 -19.59 -17.94
C ASP B 116 -39.83 -18.74 -19.15
N LEU B 117 -38.88 -18.61 -20.06
CA LEU B 117 -39.06 -17.64 -21.15
C LEU B 117 -39.91 -18.18 -22.28
N GLY B 118 -40.02 -19.50 -22.36
CA GLY B 118 -40.71 -20.15 -23.52
C GLY B 118 -39.82 -20.22 -24.77
N LEU B 119 -38.49 -20.15 -24.57
CA LEU B 119 -37.56 -19.98 -25.69
C LEU B 119 -36.56 -21.08 -25.76
N GLU B 120 -36.00 -21.33 -26.95
CA GLU B 120 -34.88 -22.33 -27.08
C GLU B 120 -33.52 -21.72 -26.88
N TYR B 121 -33.40 -20.41 -27.00
CA TYR B 121 -32.12 -19.76 -26.77
C TYR B 121 -32.32 -18.30 -26.38
N VAL B 122 -31.34 -17.69 -25.71
CA VAL B 122 -31.29 -16.24 -25.58
C VAL B 122 -30.27 -15.67 -26.52
N ASP B 123 -30.51 -14.42 -26.93
CA ASP B 123 -29.54 -13.77 -27.77
C ASP B 123 -28.26 -13.37 -27.04
N LEU B 124 -28.37 -13.01 -25.77
CA LEU B 124 -27.21 -12.54 -25.04
C LEU B 124 -27.35 -12.99 -23.61
N TYR B 125 -26.29 -13.62 -23.09
CA TYR B 125 -26.23 -14.11 -21.73
C TYR B 125 -25.05 -13.50 -20.96
N LEU B 126 -25.34 -12.93 -19.78
CA LEU B 126 -24.31 -12.23 -19.03
C LEU B 126 -24.21 -12.72 -17.64
N ILE B 127 -22.99 -12.69 -17.12
CA ILE B 127 -22.73 -12.80 -15.72
C ILE B 127 -23.10 -11.44 -15.18
N HIS B 128 -24.11 -11.39 -14.34
CA HIS B 128 -24.71 -10.13 -13.93
C HIS B 128 -23.78 -9.26 -13.06
N PHE B 129 -22.92 -9.89 -12.25
CA PHE B 129 -21.96 -9.21 -11.37
C PHE B 129 -20.66 -10.02 -11.24
N PRO B 130 -19.55 -9.36 -10.92
CA PRO B 130 -18.24 -10.01 -10.88
C PRO B 130 -17.85 -10.62 -9.54
N TYR B 131 -18.81 -10.97 -8.68
CA TYR B 131 -18.43 -11.48 -7.37
C TYR B 131 -18.74 -12.96 -7.31
N ILE B 132 -17.82 -13.74 -7.89
CA ILE B 132 -17.89 -15.18 -7.97
C ILE B 132 -16.59 -15.81 -7.37
N SER B 133 -16.73 -16.71 -6.41
CA SER B 133 -15.55 -17.39 -5.78
C SER B 133 -15.91 -18.83 -5.35
N GLU B 134 -14.90 -19.67 -5.22
CA GLU B 134 -15.14 -21.08 -4.86
C GLU B 134 -15.83 -21.25 -3.50
N LYS B 135 -15.48 -20.40 -2.53
CA LYS B 135 -16.08 -20.55 -1.21
C LYS B 135 -17.54 -20.23 -1.41
N SER B 136 -17.82 -19.23 -2.24
CA SER B 136 -19.20 -18.78 -2.38
C SER B 136 -20.03 -19.61 -3.36
N HIS B 137 -19.38 -20.16 -4.40
CA HIS B 137 -20.10 -20.78 -5.52
C HIS B 137 -19.79 -22.25 -5.82
N GLY B 138 -18.67 -22.77 -5.32
CA GLY B 138 -18.05 -23.98 -5.87
C GLY B 138 -17.14 -23.76 -7.08
N PHE B 139 -17.08 -22.57 -7.69
CA PHE B 139 -16.18 -22.29 -8.85
C PHE B 139 -15.75 -20.80 -8.87
N ASP B 140 -14.68 -20.48 -9.59
CA ASP B 140 -14.18 -19.10 -9.59
C ASP B 140 -14.76 -18.32 -10.75
N LEU B 141 -14.39 -17.05 -10.88
CA LEU B 141 -14.91 -16.19 -11.95
C LEU B 141 -14.66 -16.79 -13.34
N VAL B 142 -13.44 -17.27 -13.56
CA VAL B 142 -13.03 -17.76 -14.90
C VAL B 142 -13.84 -19.04 -15.29
N GLU B 143 -13.92 -19.98 -14.35
CA GLU B 143 -14.79 -21.17 -14.49
C GLU B 143 -16.24 -20.81 -14.85
N ALA B 144 -16.80 -19.85 -14.10
CA ALA B 144 -18.13 -19.36 -14.39
C ALA B 144 -18.33 -19.01 -15.86
N TRP B 145 -17.37 -18.25 -16.38
CA TRP B 145 -17.29 -17.90 -17.78
C TRP B 145 -17.26 -19.14 -18.72
N ARG B 146 -16.48 -20.18 -18.37
CA ARG B 146 -16.48 -21.44 -19.18
C ARG B 146 -17.87 -22.09 -19.27
N TYR B 147 -18.71 -21.86 -18.25
CA TYR B 147 -20.07 -22.32 -18.25
C TYR B 147 -20.90 -21.54 -19.29
N LEU B 148 -20.63 -20.25 -19.42
CA LEU B 148 -21.29 -19.49 -20.48
C LEU B 148 -20.72 -19.88 -21.85
N GLU B 149 -19.43 -20.24 -21.95
CA GLU B 149 -18.91 -20.68 -23.25
C GLU B 149 -19.60 -21.97 -23.66
N ARG B 150 -19.80 -22.83 -22.68
CA ARG B 150 -20.50 -24.09 -22.89
C ARG B 150 -21.95 -23.82 -23.35
N ALA B 151 -22.63 -22.90 -22.68
CA ALA B 151 -23.94 -22.49 -23.18
C ALA B 151 -23.82 -22.01 -24.65
N LYS B 152 -22.83 -21.17 -24.97
CA LYS B 152 -22.61 -20.62 -26.33
C LYS B 152 -22.39 -21.75 -27.31
N ASN B 153 -21.54 -22.71 -26.96
CA ASN B 153 -21.28 -23.85 -27.88
C ASN B 153 -22.46 -24.77 -28.15
N GLU B 154 -23.42 -24.85 -27.22
CA GLU B 154 -24.61 -25.69 -27.45
C GLU B 154 -25.78 -24.92 -28.07
N GLY B 155 -25.56 -23.65 -28.43
CA GLY B 155 -26.64 -22.80 -29.03
C GLY B 155 -27.66 -22.27 -28.01
N LEU B 156 -27.37 -22.40 -26.71
CA LEU B 156 -28.28 -21.85 -25.69
C LEU B 156 -28.19 -20.30 -25.53
N ALA B 157 -27.04 -19.73 -25.84
CA ALA B 157 -26.88 -18.26 -25.81
C ALA B 157 -26.14 -17.94 -27.09
N ARG B 158 -26.64 -17.01 -27.90
CA ARG B 158 -25.94 -16.72 -29.12
C ARG B 158 -24.69 -15.81 -28.92
N ASN B 159 -24.74 -14.97 -27.88
CA ASN B 159 -23.65 -14.12 -27.53
C ASN B 159 -23.46 -14.18 -26.01
N ILE B 160 -22.21 -14.10 -25.55
CA ILE B 160 -21.95 -14.06 -24.10
C ILE B 160 -21.10 -12.87 -23.67
N GLY B 161 -21.40 -12.39 -22.46
CA GLY B 161 -20.73 -11.21 -21.91
C GLY B 161 -20.87 -11.02 -20.44
N VAL B 162 -20.68 -9.79 -19.95
CA VAL B 162 -20.52 -9.64 -18.50
C VAL B 162 -21.23 -8.34 -18.14
N SER B 163 -21.29 -8.04 -16.86
CA SER B 163 -21.98 -6.81 -16.45
C SER B 163 -21.34 -6.31 -15.20
N ASN B 164 -21.17 -4.99 -15.13
CA ASN B 164 -20.57 -4.34 -13.97
C ASN B 164 -19.14 -4.78 -13.70
N PHE B 165 -18.39 -5.20 -14.74
CA PHE B 165 -17.03 -5.67 -14.56
C PHE B 165 -16.06 -4.48 -14.65
N THR B 166 -15.02 -4.53 -13.82
CA THR B 166 -13.88 -3.65 -13.90
C THR B 166 -12.87 -4.15 -15.00
N ILE B 167 -11.90 -3.31 -15.34
CA ILE B 167 -10.80 -3.79 -16.20
C ILE B 167 -10.17 -5.04 -15.66
N GLU B 168 -9.86 -5.10 -14.36
CA GLU B 168 -9.21 -6.29 -13.79
C GLU B 168 -10.15 -7.53 -13.81
N ASN B 169 -11.46 -7.36 -13.55
CA ASN B 169 -12.42 -8.45 -13.82
C ASN B 169 -12.38 -8.94 -15.29
N LEU B 170 -12.21 -8.01 -16.23
CA LEU B 170 -12.19 -8.38 -17.60
C LEU B 170 -10.88 -9.11 -17.83
N LYS B 171 -9.77 -8.56 -17.36
CA LYS B 171 -8.45 -9.20 -17.54
C LYS B 171 -8.35 -10.64 -17.03
N SER B 172 -9.02 -10.97 -15.92
CA SER B 172 -9.08 -12.37 -15.44
C SER B 172 -9.59 -13.30 -16.53
N ILE B 173 -10.56 -12.83 -17.31
CA ILE B 173 -11.11 -13.70 -18.39
C ILE B 173 -10.20 -13.72 -19.62
N LEU B 174 -9.83 -12.55 -20.09
CA LEU B 174 -8.99 -12.38 -21.25
C LEU B 174 -7.68 -13.14 -21.05
N ASP B 175 -7.12 -13.06 -19.84
CA ASP B 175 -5.85 -13.71 -19.57
C ASP B 175 -5.95 -15.21 -19.37
N ALA B 176 -7.15 -15.77 -19.40
CA ALA B 176 -7.31 -17.21 -19.17
C ALA B 176 -7.18 -18.07 -20.44
N ASN B 177 -6.95 -17.41 -21.59
CA ASN B 177 -6.78 -18.11 -22.90
C ASN B 177 -7.90 -19.11 -23.25
N THR B 178 -9.05 -18.76 -22.67
CA THR B 178 -10.39 -19.27 -22.90
C THR B 178 -10.80 -19.28 -24.37
N ASP B 179 -11.85 -20.02 -24.73
CA ASP B 179 -12.29 -20.09 -26.15
C ASP B 179 -12.81 -18.79 -26.75
N SER B 180 -13.31 -17.90 -25.93
CA SER B 180 -13.80 -16.63 -26.48
C SER B 180 -13.85 -15.55 -25.41
N ILE B 181 -14.13 -14.33 -25.80
CA ILE B 181 -14.12 -13.31 -24.81
C ILE B 181 -15.45 -12.58 -24.84
N PRO B 182 -15.79 -11.99 -23.69
CA PRO B 182 -17.01 -11.21 -23.55
C PRO B 182 -17.15 -10.26 -24.74
N VAL B 183 -18.31 -10.24 -25.36
CA VAL B 183 -18.56 -9.23 -26.38
C VAL B 183 -19.33 -8.03 -25.86
N VAL B 184 -19.82 -8.11 -24.61
CA VAL B 184 -20.54 -6.99 -23.95
C VAL B 184 -20.06 -6.85 -22.50
N ASN B 185 -19.98 -5.60 -22.00
CA ASN B 185 -19.84 -5.32 -20.61
C ASN B 185 -20.95 -4.32 -20.38
N GLN B 186 -22.05 -4.80 -19.75
CA GLN B 186 -23.17 -3.94 -19.32
C GLN B 186 -22.92 -3.28 -17.96
N ILE B 187 -22.86 -1.93 -17.96
CA ILE B 187 -22.45 -1.13 -16.78
C ILE B 187 -23.41 0.02 -16.63
N GLU B 188 -23.34 0.73 -15.51
CA GLU B 188 -24.10 2.01 -15.33
C GLU B 188 -23.33 3.07 -16.09
N PHE B 189 -24.01 3.78 -16.98
CA PHE B 189 -23.36 4.88 -17.69
C PHE B 189 -24.39 5.96 -17.96
N SER B 190 -24.03 7.20 -17.65
CA SER B 190 -24.84 8.38 -18.04
C SER B 190 -23.85 9.51 -18.17
N ALA B 191 -24.35 10.68 -18.59
CA ALA B 191 -23.54 11.87 -18.62
C ALA B 191 -22.97 12.23 -17.22
N TYR B 192 -23.62 11.80 -16.14
CA TYR B 192 -23.07 12.02 -14.80
C TYR B 192 -22.17 10.89 -14.22
N LEU B 193 -21.91 9.84 -15.01
CA LEU B 193 -21.14 8.70 -14.57
C LEU B 193 -20.48 8.11 -15.85
N GLN B 194 -19.49 8.82 -16.36
CA GLN B 194 -18.92 8.41 -17.64
C GLN B 194 -17.94 7.25 -17.49
N ASP B 195 -17.76 6.76 -16.27
CA ASP B 195 -16.87 5.62 -16.02
C ASP B 195 -17.16 4.98 -14.70
N GLN B 196 -17.97 3.93 -14.81
CA GLN B 196 -18.47 3.17 -13.65
C GLN B 196 -17.33 2.77 -12.68
N THR B 197 -16.31 2.13 -13.26
CA THR B 197 -15.08 1.92 -12.58
C THR B 197 -14.00 2.52 -13.49
N PRO B 198 -12.84 2.84 -12.93
CA PRO B 198 -11.95 3.72 -13.71
C PRO B 198 -11.50 3.12 -15.05
N GLY B 199 -11.52 3.94 -16.09
CA GLY B 199 -11.14 3.57 -17.47
C GLY B 199 -11.94 2.47 -18.15
N ILE B 200 -13.05 2.02 -17.56
CA ILE B 200 -13.79 0.85 -18.08
C ILE B 200 -14.29 1.02 -19.54
N VAL B 201 -14.76 2.24 -19.87
CA VAL B 201 -15.28 2.53 -21.23
C VAL B 201 -14.11 2.58 -22.24
N GLU B 202 -13.05 3.32 -21.89
CA GLU B 202 -11.87 3.44 -22.70
C GLU B 202 -11.31 2.05 -22.88
N TYR B 203 -11.21 1.28 -21.80
CA TYR B 203 -10.63 -0.09 -21.94
C TYR B 203 -11.48 -1.06 -22.78
N SER B 204 -12.78 -1.09 -22.48
CA SER B 204 -13.69 -1.95 -23.23
C SER B 204 -13.72 -1.61 -24.72
N GLN B 205 -13.86 -0.33 -25.07
CA GLN B 205 -14.00 0.03 -26.49
C GLN B 205 -12.67 -0.23 -27.27
N GLN B 206 -11.55 -0.01 -26.58
CA GLN B 206 -10.28 -0.36 -27.14
C GLN B 206 -10.19 -1.89 -27.40
N GLN B 207 -10.78 -2.70 -26.52
CA GLN B 207 -10.74 -4.17 -26.67
C GLN B 207 -11.80 -4.70 -27.68
N GLY B 208 -12.61 -3.80 -28.24
CA GLY B 208 -13.78 -4.18 -29.06
C GLY B 208 -14.98 -4.78 -28.32
N ILE B 209 -15.06 -4.55 -26.99
CA ILE B 209 -16.15 -5.03 -26.13
C ILE B 209 -17.23 -3.98 -26.12
N LEU B 210 -18.43 -4.35 -26.47
CA LEU B 210 -19.43 -3.35 -26.62
C LEU B 210 -19.96 -2.96 -25.21
N ILE B 211 -19.95 -1.68 -24.87
CA ILE B 211 -20.53 -1.28 -23.60
C ILE B 211 -22.04 -1.08 -23.71
N GLU B 212 -22.81 -1.67 -22.79
CA GLU B 212 -24.20 -1.29 -22.66
C GLU B 212 -24.37 -0.40 -21.43
N ALA B 213 -25.32 0.50 -21.49
CA ALA B 213 -25.51 1.49 -20.43
C ALA B 213 -26.89 1.38 -19.78
N TYR B 214 -26.97 0.97 -18.51
CA TYR B 214 -28.26 1.10 -17.86
C TYR B 214 -28.15 2.38 -17.05
N GLY B 215 -29.26 2.80 -16.40
CA GLY B 215 -29.37 4.14 -15.74
C GLY B 215 -29.03 5.37 -16.59
N PRO B 216 -29.27 5.33 -17.94
CA PRO B 216 -28.70 6.42 -18.79
C PRO B 216 -29.39 7.76 -18.60
N LEU B 217 -30.60 7.68 -18.00
CA LEU B 217 -31.47 8.86 -17.65
C LEU B 217 -31.24 9.39 -16.24
N GLY B 218 -30.25 8.83 -15.57
CA GLY B 218 -29.78 9.37 -14.30
C GLY B 218 -29.84 10.89 -14.24
N PRO B 219 -29.19 11.58 -15.18
CA PRO B 219 -29.14 13.03 -14.94
C PRO B 219 -30.49 13.68 -14.79
N ILE B 220 -31.53 13.08 -15.37
CA ILE B 220 -32.88 13.68 -15.24
C ILE B 220 -33.79 13.02 -14.21
N THR B 221 -33.65 11.72 -13.99
CA THR B 221 -34.54 11.04 -13.07
C THR B 221 -34.17 11.35 -11.62
N GLN B 222 -32.89 11.43 -11.31
CA GLN B 222 -32.48 11.65 -9.94
C GLN B 222 -31.35 12.65 -9.84
N GLY B 223 -30.92 13.22 -10.97
CA GLY B 223 -29.84 14.22 -10.98
C GLY B 223 -30.26 15.67 -10.79
N ARG B 224 -31.55 15.92 -10.72
CA ARG B 224 -32.08 17.26 -10.74
C ARG B 224 -32.02 17.79 -9.32
N PRO B 225 -31.59 19.07 -9.11
CA PRO B 225 -30.96 19.97 -10.09
C PRO B 225 -29.45 19.72 -10.23
N GLY B 226 -28.92 20.05 -11.39
CA GLY B 226 -27.50 19.80 -11.71
C GLY B 226 -27.07 20.61 -12.92
N PRO B 227 -25.73 20.65 -13.17
CA PRO B 227 -25.15 21.49 -14.23
C PRO B 227 -25.62 21.15 -15.61
N LEU B 228 -26.16 19.95 -15.81
CA LEU B 228 -26.71 19.63 -17.16
C LEU B 228 -28.15 20.16 -17.45
N ASP B 229 -28.89 20.62 -16.43
CA ASP B 229 -30.25 21.20 -16.67
C ASP B 229 -30.23 22.29 -17.73
N LYS B 230 -29.43 23.33 -17.52
CA LYS B 230 -29.20 24.40 -18.52
C LYS B 230 -28.84 23.85 -19.91
N VAL B 231 -27.82 23.00 -19.97
CA VAL B 231 -27.38 22.48 -21.26
C VAL B 231 -28.53 21.77 -21.93
N LEU B 232 -29.28 20.99 -21.17
CA LEU B 232 -30.31 20.12 -21.71
C LEU B 232 -31.56 20.85 -22.22
N SER B 233 -31.91 21.98 -21.59
CA SER B 233 -33.06 22.74 -22.01
C SER B 233 -32.78 23.45 -23.33
N LYS B 234 -31.58 24.01 -23.43
CA LYS B 234 -31.13 24.62 -24.67
C LYS B 234 -31.01 23.62 -25.84
N LEU B 235 -30.49 22.44 -25.57
CA LEU B 235 -30.41 21.45 -26.66
C LEU B 235 -31.80 20.94 -27.08
N SER B 236 -32.67 20.71 -26.10
CA SER B 236 -34.07 20.30 -26.33
C SER B 236 -34.82 21.29 -27.22
N GLU B 237 -34.76 22.57 -26.88
CA GLU B 237 -35.41 23.53 -27.75
C GLU B 237 -34.73 23.64 -29.12
N LYS B 238 -33.39 23.52 -29.18
CA LYS B 238 -32.66 23.53 -30.46
C LYS B 238 -33.07 22.38 -31.39
N TYR B 239 -33.13 21.16 -30.84
CA TYR B 239 -33.46 19.94 -31.63
C TYR B 239 -34.93 19.57 -31.68
N LYS B 240 -35.73 20.32 -30.92
CA LYS B 240 -37.14 20.03 -30.69
C LYS B 240 -37.34 18.54 -30.31
N ARG B 241 -36.44 18.02 -29.48
CA ARG B 241 -36.63 16.71 -28.87
C ARG B 241 -36.63 16.89 -27.35
N ASN B 242 -37.19 15.96 -26.59
CA ASN B 242 -37.16 16.15 -25.13
C ASN B 242 -35.80 15.84 -24.49
N GLU B 243 -35.58 16.16 -23.21
CA GLU B 243 -34.23 16.00 -22.62
C GLU B 243 -33.78 14.55 -22.51
N GLY B 244 -34.74 13.65 -22.29
CA GLY B 244 -34.47 12.21 -22.37
C GLY B 244 -33.94 11.72 -23.71
N GLN B 245 -34.60 12.13 -24.79
CA GLN B 245 -34.13 11.84 -26.14
C GLN B 245 -32.74 12.38 -26.34
N ILE B 246 -32.49 13.60 -25.92
CA ILE B 246 -31.15 14.15 -26.02
C ILE B 246 -30.09 13.24 -25.32
N LEU B 247 -30.32 12.93 -24.05
CA LEU B 247 -29.44 12.08 -23.28
C LEU B 247 -29.23 10.72 -23.97
N LEU B 248 -30.31 10.14 -24.46
CA LEU B 248 -30.19 8.81 -25.05
C LEU B 248 -29.42 8.86 -26.35
N ARG B 249 -29.67 9.90 -27.16
CA ARG B 249 -28.91 10.12 -28.41
C ARG B 249 -27.44 10.30 -28.07
N TRP B 250 -27.20 11.06 -27.02
CA TRP B 250 -25.86 11.30 -26.62
C TRP B 250 -25.21 9.93 -26.29
N VAL B 251 -25.92 9.11 -25.53
CA VAL B 251 -25.34 7.76 -25.24
C VAL B 251 -24.94 7.07 -26.56
N LEU B 252 -25.83 7.16 -27.54
CA LEU B 252 -25.56 6.46 -28.80
C LEU B 252 -24.32 7.02 -29.47
N GLN B 253 -24.20 8.35 -29.43
CA GLN B 253 -23.08 8.98 -30.05
C GLN B 253 -21.69 8.70 -29.41
N ARG B 254 -21.69 8.32 -28.15
CA ARG B 254 -20.53 7.80 -27.42
C ARG B 254 -20.26 6.33 -27.80
N GLY B 255 -21.09 5.72 -28.65
CA GLY B 255 -20.76 4.35 -29.18
C GLY B 255 -21.33 3.34 -28.21
N ILE B 256 -22.35 3.75 -27.46
CA ILE B 256 -22.79 2.93 -26.35
C ILE B 256 -24.26 2.60 -26.52
N LEU B 257 -24.66 1.41 -26.07
CA LEU B 257 -26.04 0.96 -26.28
C LEU B 257 -26.90 1.29 -25.03
N PRO B 258 -27.86 2.21 -25.15
CA PRO B 258 -28.58 2.57 -23.92
C PRO B 258 -29.68 1.58 -23.56
N ILE B 259 -29.81 1.29 -22.28
CA ILE B 259 -30.93 0.50 -21.79
C ILE B 259 -31.82 1.36 -20.89
N THR B 260 -33.08 1.44 -21.28
CA THR B 260 -33.96 2.29 -20.56
C THR B 260 -35.22 1.50 -20.27
N THR B 261 -36.14 2.09 -19.52
CA THR B 261 -37.45 1.45 -19.29
C THR B 261 -38.51 2.54 -18.97
N THR B 262 -39.78 2.16 -19.09
CA THR B 262 -40.88 3.07 -18.89
C THR B 262 -42.16 2.24 -18.75
N SER B 263 -43.15 2.80 -18.05
CA SER B 263 -44.52 2.29 -18.15
C SER B 263 -45.40 3.17 -19.01
N LYS B 264 -44.81 4.17 -19.68
CA LYS B 264 -45.57 5.13 -20.50
C LYS B 264 -45.46 4.95 -22.02
N GLU B 265 -46.62 4.90 -22.69
CA GLU B 265 -46.71 4.75 -24.15
C GLU B 265 -46.04 5.91 -24.87
N GLU B 266 -46.38 7.15 -24.50
CA GLU B 266 -45.71 8.33 -25.01
C GLU B 266 -44.18 8.08 -25.06
N ARG B 267 -43.57 7.78 -23.91
CA ARG B 267 -42.11 7.53 -23.85
C ARG B 267 -41.59 6.27 -24.60
N ILE B 268 -42.32 5.16 -24.55
CA ILE B 268 -42.04 4.05 -25.47
C ILE B 268 -41.78 4.58 -26.89
N ASN B 269 -42.73 5.37 -27.44
CA ASN B 269 -42.56 5.95 -28.81
C ASN B 269 -41.41 6.97 -28.89
N ASP B 270 -41.32 7.86 -27.87
CA ASP B 270 -40.24 8.85 -27.73
C ASP B 270 -38.86 8.21 -27.85
N VAL B 271 -38.69 7.07 -27.19
CA VAL B 271 -37.36 6.44 -27.12
C VAL B 271 -37.02 5.96 -28.52
N LEU B 272 -38.02 5.45 -29.24
CA LEU B 272 -37.78 4.91 -30.60
C LEU B 272 -37.42 5.97 -31.64
N GLU B 273 -37.56 7.24 -31.28
CA GLU B 273 -37.22 8.25 -32.23
C GLU B 273 -35.75 8.71 -32.12
N ILE B 274 -35.01 8.20 -31.14
CA ILE B 274 -33.62 8.57 -30.97
C ILE B 274 -32.77 8.24 -32.22
N PHE B 275 -33.31 7.47 -33.17
CA PHE B 275 -32.53 7.19 -34.41
C PHE B 275 -32.86 8.19 -35.53
N ASP B 276 -33.82 9.07 -35.25
CA ASP B 276 -34.34 9.99 -36.28
C ASP B 276 -33.57 11.29 -36.41
N PHE B 277 -32.67 11.53 -35.46
CA PHE B 277 -31.87 12.78 -35.42
C PHE B 277 -30.46 12.56 -34.89
N GLU B 278 -29.68 13.60 -34.92
CA GLU B 278 -28.32 13.52 -34.50
C GLU B 278 -27.90 14.89 -33.94
N LEU B 279 -27.09 14.82 -32.87
CA LEU B 279 -26.44 15.96 -32.25
C LEU B 279 -25.14 16.28 -33.01
N ASP B 280 -24.87 17.55 -33.33
CA ASP B 280 -23.55 17.97 -33.88
C ASP B 280 -22.50 17.68 -32.83
N LYS B 281 -21.24 17.69 -33.23
CA LYS B 281 -20.09 17.40 -32.39
C LYS B 281 -20.06 18.36 -31.18
N GLU B 282 -20.23 19.67 -31.46
CA GLU B 282 -20.25 20.70 -30.41
C GLU B 282 -21.19 20.41 -29.24
N ASP B 283 -22.40 20.00 -29.59
CA ASP B 283 -23.48 19.75 -28.62
C ASP B 283 -23.17 18.48 -27.78
N GLU B 284 -22.85 17.39 -28.50
CA GLU B 284 -22.42 16.14 -27.93
C GLU B 284 -21.30 16.40 -26.94
N ASP B 285 -20.35 17.23 -27.36
CA ASP B 285 -19.15 17.52 -26.54
C ASP B 285 -19.46 18.35 -25.31
N GLN B 286 -20.45 19.25 -25.41
CA GLN B 286 -20.74 20.03 -24.24
C GLN B 286 -21.43 19.16 -23.19
N ILE B 287 -22.23 18.18 -23.64
CA ILE B 287 -22.91 17.27 -22.71
C ILE B 287 -21.85 16.43 -21.99
N THR B 288 -20.87 15.94 -22.75
CA THR B 288 -19.82 15.15 -22.10
C THR B 288 -18.95 15.94 -21.14
N LYS B 289 -18.55 17.15 -21.53
CA LYS B 289 -17.79 18.04 -20.62
C LYS B 289 -18.67 18.46 -19.39
N VAL B 290 -19.83 19.07 -19.61
CA VAL B 290 -20.70 19.52 -18.48
C VAL B 290 -21.08 18.35 -17.55
N GLY B 291 -21.45 17.21 -18.10
CA GLY B 291 -21.68 16.03 -17.26
C GLY B 291 -20.56 15.72 -16.27
N LYS B 292 -19.34 16.16 -16.55
CA LYS B 292 -18.22 15.72 -15.71
C LYS B 292 -18.16 16.49 -14.41
N GLU B 293 -19.07 17.44 -14.29
CA GLU B 293 -19.13 18.39 -13.17
C GLU B 293 -19.93 17.82 -12.01
N LYS B 294 -20.72 16.79 -12.30
CA LYS B 294 -21.49 16.13 -11.27
C LYS B 294 -21.33 14.64 -11.43
N THR B 295 -21.14 13.96 -10.30
CA THR B 295 -21.09 12.51 -10.24
C THR B 295 -22.35 11.91 -9.61
N LEU B 296 -23.04 11.05 -10.36
CA LEU B 296 -24.24 10.42 -9.91
C LEU B 296 -24.23 8.92 -10.15
N ARG B 297 -24.14 8.12 -9.09
CA ARG B 297 -24.16 6.66 -9.17
C ARG B 297 -25.42 6.10 -8.48
N GLN B 298 -26.27 5.38 -9.20
CA GLN B 298 -27.46 4.79 -8.53
C GLN B 298 -27.32 3.31 -8.22
N PHE B 299 -26.37 2.63 -8.87
CA PHE B 299 -26.25 1.18 -8.75
C PHE B 299 -24.85 0.70 -8.35
N SER B 300 -24.76 -0.55 -7.92
CA SER B 300 -23.43 -1.07 -7.59
C SER B 300 -22.65 -0.04 -6.75
N LYS B 301 -23.28 0.39 -5.65
CA LYS B 301 -22.66 1.35 -4.73
C LYS B 301 -21.35 0.95 -4.05
N GLU B 302 -20.98 -0.33 -4.05
CA GLU B 302 -19.59 -0.69 -3.66
C GLU B 302 -18.55 0.08 -4.49
N TYR B 303 -18.92 0.57 -5.66
CA TYR B 303 -17.96 1.33 -6.44
C TYR B 303 -17.93 2.84 -6.06
N SER B 304 -18.71 3.24 -5.07
CA SER B 304 -18.81 4.69 -4.77
C SER B 304 -17.50 5.25 -4.23
N LYS B 305 -16.66 4.37 -3.69
CA LYS B 305 -15.29 4.70 -3.33
C LYS B 305 -14.52 5.43 -4.44
N TYR B 306 -14.81 5.15 -5.71
CA TYR B 306 -14.10 5.79 -6.85
C TYR B 306 -14.51 7.22 -7.13
N ASP B 307 -15.68 7.59 -6.63
CA ASP B 307 -16.23 8.91 -6.84
C ASP B 307 -15.45 9.98 -6.04
N LYS C 9 -18.32 6.00 29.24
CA LYS C 9 -18.07 6.83 27.99
C LYS C 9 -16.71 7.54 27.95
N GLU C 10 -15.80 7.02 28.76
CA GLU C 10 -14.48 7.63 28.94
C GLU C 10 -13.39 6.57 29.00
N PHE C 11 -12.19 6.96 28.58
CA PHE C 11 -10.98 6.18 28.87
C PHE C 11 -10.22 6.92 29.99
N LYS C 12 -9.56 6.15 30.87
CA LYS C 12 -8.68 6.67 31.89
C LYS C 12 -7.27 6.66 31.31
N LEU C 13 -6.65 7.81 31.13
CA LEU C 13 -5.28 7.83 30.65
C LEU C 13 -4.34 7.28 31.78
N SER C 14 -3.11 6.95 31.43
CA SER C 14 -2.21 6.33 32.42
C SER C 14 -1.89 7.28 33.56
N ASN C 15 -2.17 8.56 33.42
CA ASN C 15 -1.87 9.51 34.55
C ASN C 15 -3.09 9.88 35.35
N GLY C 16 -4.19 9.15 35.13
CA GLY C 16 -5.41 9.34 35.91
C GLY C 16 -6.41 10.30 35.30
N ASN C 17 -6.03 11.11 34.30
CA ASN C 17 -7.02 12.00 33.59
C ASN C 17 -7.88 11.14 32.71
N LYS C 18 -9.01 11.72 32.30
CA LYS C 18 -10.15 11.04 31.67
C LYS C 18 -10.25 11.70 30.30
N ILE C 19 -10.49 10.88 29.28
CA ILE C 19 -10.75 11.38 27.92
C ILE C 19 -12.06 10.77 27.34
N PRO C 20 -12.96 11.61 26.72
CA PRO C 20 -14.21 11.01 26.20
C PRO C 20 -13.86 10.04 25.11
N ALA C 21 -14.55 8.89 25.15
CA ALA C 21 -14.14 7.73 24.43
C ALA C 21 -14.56 7.68 22.93
N VAL C 22 -15.21 8.71 22.41
CA VAL C 22 -15.33 8.83 20.93
C VAL C 22 -15.10 10.30 20.57
N ALA C 23 -14.44 10.55 19.45
CA ALA C 23 -14.12 11.91 19.09
C ALA C 23 -14.63 12.27 17.73
N PHE C 24 -14.87 13.55 17.51
CA PHE C 24 -15.23 14.06 16.19
C PHE C 24 -14.08 14.87 15.59
N GLY C 25 -13.58 14.41 14.44
CA GLY C 25 -12.40 15.03 13.91
C GLY C 25 -12.67 16.13 12.88
N THR C 26 -11.74 17.08 12.76
CA THR C 26 -11.92 18.18 11.83
C THR C 26 -10.77 18.23 10.79
N GLY C 27 -10.08 17.07 10.66
CA GLY C 27 -9.18 16.83 9.56
C GLY C 27 -9.89 16.10 8.45
N THR C 28 -9.13 15.25 7.75
CA THR C 28 -9.56 14.48 6.60
C THR C 28 -10.48 15.27 5.64
N LYS C 29 -11.77 15.01 5.62
CA LYS C 29 -12.65 15.73 4.70
C LYS C 29 -12.71 17.26 4.94
N TYR C 30 -12.36 17.74 6.14
CA TYR C 30 -12.37 19.19 6.42
C TYR C 30 -11.01 19.86 6.30
N PHE C 31 -9.98 19.06 6.03
CA PHE C 31 -8.58 19.51 5.92
C PHE C 31 -8.48 20.46 4.74
N LYS C 32 -8.11 21.69 5.05
CA LYS C 32 -8.06 22.73 4.05
C LYS C 32 -6.90 22.56 3.08
N ARG C 33 -7.24 22.51 1.79
CA ARG C 33 -6.29 22.35 0.70
C ARG C 33 -6.08 23.67 -0.05
N GLY C 34 -5.02 24.38 0.31
CA GLY C 34 -4.57 25.53 -0.44
C GLY C 34 -5.22 26.86 -0.09
N HIS C 35 -6.17 26.87 0.88
CA HIS C 35 -6.96 28.06 1.24
C HIS C 35 -7.20 28.14 2.77
N ASN C 36 -7.68 29.29 3.26
CA ASN C 36 -8.11 29.39 4.68
C ASN C 36 -9.42 30.14 4.80
N ASP C 37 -10.33 29.82 3.88
CA ASP C 37 -11.67 30.38 3.84
C ASP C 37 -12.41 29.75 5.00
N LEU C 38 -13.23 30.54 5.69
CA LEU C 38 -14.09 30.02 6.74
C LEU C 38 -15.02 28.91 6.22
N ASP C 39 -15.11 27.82 6.97
CA ASP C 39 -15.97 26.73 6.61
C ASP C 39 -17.22 26.74 7.46
N LYS C 40 -18.29 27.25 6.89
CA LYS C 40 -19.51 27.48 7.66
C LYS C 40 -20.25 26.18 7.82
N GLN C 41 -20.11 25.26 6.89
CA GLN C 41 -20.76 23.96 7.12
C GLN C 41 -20.11 23.27 8.31
N LEU C 42 -18.78 23.29 8.40
CA LEU C 42 -18.08 22.65 9.52
C LEU C 42 -18.56 23.28 10.82
N ILE C 43 -18.51 24.60 10.92
CA ILE C 43 -19.06 25.26 12.11
C ILE C 43 -20.44 24.66 12.45
N GLY C 44 -21.37 24.72 11.52
CA GLY C 44 -22.74 24.23 11.77
C GLY C 44 -22.82 22.76 12.19
N THR C 45 -22.00 21.94 11.59
CA THR C 45 -21.96 20.53 11.97
C THR C 45 -21.32 20.30 13.35
N LEU C 46 -20.24 21.01 13.64
CA LEU C 46 -19.63 20.92 14.98
C LEU C 46 -20.58 21.42 16.07
N GLU C 47 -21.44 22.39 15.75
CA GLU C 47 -22.45 22.83 16.76
C GLU C 47 -23.44 21.70 17.03
N LEU C 48 -23.91 21.08 15.97
CA LEU C 48 -24.86 20.03 16.12
C LEU C 48 -24.23 18.82 16.82
N ALA C 49 -23.00 18.46 16.43
CA ALA C 49 -22.28 17.40 17.12
C ALA C 49 -22.19 17.71 18.63
N LEU C 50 -21.71 18.88 18.99
CA LEU C 50 -21.66 19.23 20.41
C LEU C 50 -23.04 19.11 21.09
N ARG C 51 -24.07 19.68 20.45
CA ARG C 51 -25.37 19.75 21.08
C ARG C 51 -25.98 18.36 21.21
N SER C 52 -25.64 17.45 20.29
CA SER C 52 -26.18 16.09 20.34
C SER C 52 -25.47 15.17 21.31
N GLY C 53 -24.32 15.55 21.88
CA GLY C 53 -23.61 14.62 22.73
C GLY C 53 -22.09 14.54 22.60
N PHE C 54 -21.51 14.91 21.45
CA PHE C 54 -20.05 14.89 21.34
C PHE C 54 -19.38 15.79 22.37
N ARG C 55 -18.30 15.31 22.98
CA ARG C 55 -17.54 16.04 23.99
C ARG C 55 -16.02 16.11 23.70
N HIS C 56 -15.60 15.57 22.58
CA HIS C 56 -14.21 15.43 22.32
C HIS C 56 -14.06 15.82 20.85
N ILE C 57 -13.25 16.84 20.59
CA ILE C 57 -13.01 17.26 19.21
C ILE C 57 -11.55 17.05 18.87
N ASP C 58 -11.27 16.30 17.84
CA ASP C 58 -9.91 16.16 17.35
C ASP C 58 -9.54 17.21 16.22
N GLY C 59 -8.69 18.20 16.55
CA GLY C 59 -8.19 19.21 15.58
C GLY C 59 -6.66 19.11 15.35
N ALA C 60 -6.10 19.98 14.51
CA ALA C 60 -4.65 20.03 14.28
C ALA C 60 -4.31 21.33 13.66
N GLU C 61 -3.10 21.79 13.97
CA GLU C 61 -2.58 23.03 13.36
C GLU C 61 -2.74 22.95 11.83
N ILE C 62 -2.36 21.84 11.20
CA ILE C 62 -2.20 21.79 9.75
C ILE C 62 -3.56 21.76 9.04
N TYR C 63 -4.64 21.41 9.78
CA TYR C 63 -5.99 21.36 9.19
C TYR C 63 -6.51 22.73 8.83
N GLY C 64 -6.16 23.76 9.59
CA GLY C 64 -6.70 25.15 9.37
C GLY C 64 -8.15 25.26 9.84
N THR C 65 -8.57 24.30 10.66
CA THR C 65 -9.95 24.32 11.11
C THR C 65 -10.12 24.71 12.61
N ASN C 66 -9.03 25.08 13.27
CA ASN C 66 -9.09 25.43 14.68
C ASN C 66 -10.00 26.62 14.88
N LYS C 67 -9.99 27.56 13.92
CA LYS C 67 -10.87 28.70 14.01
C LYS C 67 -12.32 28.25 14.06
N GLU C 68 -12.72 27.39 13.14
CA GLU C 68 -14.09 26.85 13.18
C GLU C 68 -14.46 26.22 14.52
N ILE C 69 -13.55 25.44 15.09
CA ILE C 69 -13.78 24.83 16.36
C ILE C 69 -14.07 25.89 17.42
N GLY C 70 -13.29 26.97 17.44
CA GLY C 70 -13.41 28.01 18.47
C GLY C 70 -14.76 28.69 18.34
N ILE C 71 -15.21 28.86 17.09
CA ILE C 71 -16.48 29.52 16.86
C ILE C 71 -17.65 28.68 17.33
N ALA C 72 -17.63 27.40 16.95
CA ALA C 72 -18.62 26.42 17.43
C ALA C 72 -18.64 26.35 18.95
N LEU C 73 -17.48 26.15 19.59
CA LEU C 73 -17.47 26.14 21.07
C LEU C 73 -18.13 27.37 21.65
N LYS C 74 -17.75 28.54 21.12
CA LYS C 74 -18.27 29.78 21.63
C LYS C 74 -19.80 29.84 21.44
N ASN C 75 -20.33 29.15 20.45
CA ASN C 75 -21.74 29.28 20.03
C ASN C 75 -22.66 28.36 20.82
N VAL C 76 -22.17 27.16 21.11
CA VAL C 76 -22.89 26.20 21.95
C VAL C 76 -22.79 26.58 23.43
N GLY C 77 -21.61 27.07 23.83
CA GLY C 77 -21.41 27.63 25.17
C GLY C 77 -21.49 26.56 26.24
N LEU C 78 -20.83 25.42 26.03
CA LEU C 78 -20.82 24.36 27.03
C LEU C 78 -19.84 24.81 28.07
N ASN C 79 -19.96 24.37 29.32
CA ASN C 79 -18.86 24.58 30.28
C ASN C 79 -17.55 24.02 29.68
N ARG C 80 -16.51 24.85 29.63
CA ARG C 80 -15.21 24.47 29.09
C ARG C 80 -14.73 23.10 29.63
N LYS C 81 -14.94 22.88 30.92
CA LYS C 81 -14.49 21.69 31.63
C LYS C 81 -15.21 20.42 31.25
N ASP C 82 -16.25 20.50 30.39
CA ASP C 82 -17.01 19.31 29.98
C ASP C 82 -16.66 18.86 28.54
N VAL C 83 -15.94 19.71 27.83
CA VAL C 83 -15.40 19.40 26.49
C VAL C 83 -13.90 19.13 26.54
N PHE C 84 -13.42 18.29 25.62
CA PHE C 84 -12.01 17.85 25.53
C PHE C 84 -11.46 18.19 24.15
N ILE C 85 -10.52 19.12 24.09
CA ILE C 85 -10.04 19.61 22.80
C ILE C 85 -8.62 19.11 22.59
N THR C 86 -8.42 18.41 21.46
CA THR C 86 -7.09 17.99 21.04
C THR C 86 -6.58 18.85 19.89
N ASP C 87 -5.33 19.25 20.00
CA ASP C 87 -4.62 19.93 18.93
C ASP C 87 -3.27 19.17 18.72
N LYS C 88 -2.60 19.45 17.61
CA LYS C 88 -1.44 18.71 17.14
C LYS C 88 -0.50 19.71 16.52
N TYR C 89 0.75 19.67 16.94
CA TYR C 89 1.83 20.44 16.28
C TYR C 89 2.13 19.89 14.88
N ASN C 90 2.13 20.77 13.89
CA ASN C 90 2.44 20.37 12.50
C ASN C 90 3.95 20.20 12.38
N SER C 91 4.38 18.97 12.56
CA SER C 91 5.78 18.67 12.71
C SER C 91 6.43 18.31 11.40
N GLY C 92 5.63 18.08 10.36
CA GLY C 92 6.18 17.86 9.01
C GLY C 92 6.04 16.44 8.51
N ASN C 93 6.41 16.23 7.23
CA ASN C 93 6.27 14.90 6.63
C ASN C 93 7.54 14.06 6.73
N HIS C 94 7.48 12.85 6.17
CA HIS C 94 8.61 11.89 6.25
C HIS C 94 9.83 12.21 5.39
N THR C 95 9.77 13.23 4.51
CA THR C 95 10.98 13.64 3.72
C THR C 95 11.83 14.66 4.50
N TYR C 96 11.31 15.08 5.65
CA TYR C 96 12.01 16.04 6.44
C TYR C 96 12.28 17.33 5.60
N ASP C 97 11.28 17.81 4.85
CA ASP C 97 11.55 18.85 3.86
C ASP C 97 11.49 20.29 4.42
N GLY C 98 11.25 20.43 5.71
CA GLY C 98 11.27 21.74 6.37
C GLY C 98 9.98 22.49 6.20
N LYS C 99 8.96 21.85 5.63
CA LYS C 99 7.64 22.48 5.41
C LYS C 99 6.67 22.01 6.51
N HIS C 100 6.63 22.72 7.60
CA HIS C 100 5.79 22.28 8.67
C HIS C 100 5.30 23.54 9.36
N SER C 101 5.02 23.51 10.66
CA SER C 101 4.62 24.74 11.34
C SER C 101 5.42 25.99 10.84
N LYS C 102 4.73 27.09 10.58
CA LYS C 102 5.39 28.36 10.33
C LYS C 102 5.84 28.97 11.66
N HIS C 103 5.63 28.26 12.78
CA HIS C 103 6.12 28.80 14.04
C HIS C 103 7.52 28.26 14.36
N GLN C 104 8.21 28.89 15.31
CA GLN C 104 9.58 28.49 15.65
C GLN C 104 9.66 27.15 16.36
N ASN C 105 8.57 26.76 16.98
CA ASN C 105 8.59 25.60 17.86
C ASN C 105 7.20 25.23 18.35
N PRO C 106 7.03 24.01 18.91
CA PRO C 106 5.66 23.57 19.28
C PRO C 106 5.07 24.47 20.37
N TYR C 107 5.92 25.07 21.22
CA TYR C 107 5.35 25.92 22.29
C TYR C 107 4.79 27.18 21.63
N ASN C 108 5.54 27.73 20.69
CA ASN C 108 5.07 28.89 19.94
C ASN C 108 3.82 28.58 19.10
N ALA C 109 3.86 27.43 18.45
CA ALA C 109 2.73 26.93 17.64
C ALA C 109 1.47 26.87 18.45
N LEU C 110 1.52 26.25 19.63
CA LEU C 110 0.34 26.08 20.47
C LEU C 110 -0.25 27.40 20.98
N LYS C 111 0.61 28.34 21.31
CA LYS C 111 0.12 29.68 21.69
C LYS C 111 -0.73 30.26 20.57
N ALA C 112 -0.27 30.11 19.32
CA ALA C 112 -1.01 30.64 18.16
C ALA C 112 -2.37 29.96 18.02
N ASP C 113 -2.40 28.62 18.12
CA ASP C 113 -3.63 27.87 17.95
C ASP C 113 -4.61 28.22 19.04
N LEU C 114 -4.13 28.36 20.28
CA LEU C 114 -4.98 28.73 21.38
C LEU C 114 -5.75 30.04 21.07
N GLU C 115 -5.09 31.00 20.42
CA GLU C 115 -5.74 32.22 19.97
C GLU C 115 -6.75 31.99 18.83
N ASP C 116 -6.44 31.08 17.90
CA ASP C 116 -7.43 30.76 16.88
C ASP C 116 -8.63 30.09 17.51
N LEU C 117 -8.39 29.29 18.55
CA LEU C 117 -9.43 28.48 19.16
C LEU C 117 -10.22 29.31 20.15
N GLY C 118 -9.72 30.48 20.52
CA GLY C 118 -10.34 31.29 21.60
C GLY C 118 -10.36 30.59 22.95
N LEU C 119 -9.36 29.73 23.18
CA LEU C 119 -9.29 28.93 24.39
C LEU C 119 -8.04 29.29 25.19
N GLU C 120 -8.11 29.04 26.51
CA GLU C 120 -6.97 29.23 27.40
C GLU C 120 -6.05 27.98 27.43
N TYR C 121 -6.54 26.83 27.01
CA TYR C 121 -5.71 25.61 27.04
C TYR C 121 -6.29 24.63 26.09
N VAL C 122 -5.56 23.59 25.74
CA VAL C 122 -6.21 22.41 25.16
C VAL C 122 -6.12 21.22 26.12
N ASP C 123 -6.96 20.23 25.89
CA ASP C 123 -6.84 19.05 26.76
C ASP C 123 -5.74 18.06 26.34
N LEU C 124 -5.36 18.05 25.05
CA LEU C 124 -4.35 17.12 24.52
C LEU C 124 -3.65 17.79 23.35
N TYR C 125 -2.33 17.80 23.43
CA TYR C 125 -1.49 18.33 22.42
C TYR C 125 -0.53 17.20 22.00
N LEU C 126 -0.50 16.92 20.71
CA LEU C 126 0.20 15.78 20.16
C LEU C 126 1.28 16.29 19.24
N ILE C 127 2.42 15.65 19.21
CA ILE C 127 3.25 15.82 17.99
C ILE C 127 2.53 15.03 16.91
N HIS C 128 2.21 15.68 15.79
CA HIS C 128 1.39 15.10 14.69
C HIS C 128 2.04 13.93 13.93
N PHE C 129 3.33 14.04 13.62
CA PHE C 129 4.05 12.96 12.96
C PHE C 129 5.45 12.93 13.54
N PRO C 130 6.14 11.77 13.44
CA PRO C 130 7.45 11.57 14.04
C PRO C 130 8.64 12.02 13.16
N TYR C 131 8.53 13.12 12.45
CA TYR C 131 9.63 13.45 11.52
C TYR C 131 10.21 14.82 11.86
N ILE C 132 11.05 14.83 12.88
CA ILE C 132 11.60 16.04 13.42
C ILE C 132 13.12 15.84 13.49
N SER C 133 13.90 16.76 12.90
CA SER C 133 15.37 16.66 12.98
C SER C 133 15.98 18.02 13.18
N GLU C 134 17.24 18.05 13.61
CA GLU C 134 17.89 19.34 13.74
C GLU C 134 17.94 20.04 12.37
N LYS C 135 18.30 19.29 11.34
CA LYS C 135 18.51 19.88 10.02
C LYS C 135 17.21 20.49 9.48
N SER C 136 16.06 19.86 9.71
CA SER C 136 14.79 20.35 9.21
C SER C 136 14.07 21.32 10.19
N HIS C 137 14.34 21.24 11.51
CA HIS C 137 13.58 22.05 12.51
C HIS C 137 14.39 23.08 13.34
N GLY C 138 15.71 22.88 13.41
CA GLY C 138 16.54 23.54 14.44
C GLY C 138 16.54 22.80 15.81
N PHE C 139 15.76 21.72 15.98
CA PHE C 139 15.75 20.94 17.24
C PHE C 139 15.42 19.52 16.91
N ASP C 140 15.82 18.57 17.74
CA ASP C 140 15.52 17.19 17.40
C ASP C 140 14.18 16.73 18.03
N LEU C 141 13.80 15.48 17.79
CA LEU C 141 12.52 14.88 18.28
C LEU C 141 12.29 15.06 19.83
N VAL C 142 13.30 14.68 20.61
CA VAL C 142 13.31 14.81 22.06
C VAL C 142 13.21 16.28 22.52
N GLU C 143 13.91 17.17 21.85
CA GLU C 143 13.83 18.61 22.15
C GLU C 143 12.45 19.17 21.82
N ALA C 144 11.88 18.77 20.69
CA ALA C 144 10.43 19.03 20.41
C ALA C 144 9.53 18.58 21.56
N TRP C 145 9.68 17.34 21.99
CA TRP C 145 8.95 16.85 23.17
C TRP C 145 9.12 17.83 24.36
N ARG C 146 10.34 18.37 24.55
CA ARG C 146 10.58 19.31 25.70
C ARG C 146 9.77 20.58 25.56
N TYR C 147 9.51 20.99 24.33
CA TYR C 147 8.64 22.10 24.10
C TYR C 147 7.21 21.78 24.52
N LEU C 148 6.73 20.56 24.20
CA LEU C 148 5.38 20.16 24.71
C LEU C 148 5.35 19.99 26.21
N GLU C 149 6.42 19.42 26.78
CA GLU C 149 6.55 19.41 28.25
C GLU C 149 6.41 20.81 28.91
N ARG C 150 7.00 21.85 28.30
CA ARG C 150 6.86 23.22 28.87
C ARG C 150 5.39 23.67 28.78
N ALA C 151 4.74 23.37 27.65
CA ALA C 151 3.28 23.64 27.55
C ALA C 151 2.45 22.95 28.65
N LYS C 152 2.78 21.72 29.03
CA LYS C 152 2.04 21.00 30.08
C LYS C 152 2.37 21.66 31.43
N ASN C 153 3.64 22.00 31.63
CA ASN C 153 4.05 22.56 32.93
C ASN C 153 3.44 23.92 33.14
N GLU C 154 3.09 24.63 32.06
CA GLU C 154 2.45 25.95 32.19
C GLU C 154 0.92 25.84 32.14
N GLY C 155 0.36 24.63 32.03
CA GLY C 155 -1.10 24.45 32.06
C GLY C 155 -1.82 24.67 30.73
N LEU C 156 -1.04 25.00 29.69
CA LEU C 156 -1.53 25.21 28.31
C LEU C 156 -2.08 23.96 27.66
N ALA C 157 -1.48 22.80 27.95
CA ALA C 157 -1.97 21.50 27.47
C ALA C 157 -2.21 20.61 28.70
N ARG C 158 -3.42 20.09 28.93
CA ARG C 158 -3.61 19.23 30.16
C ARG C 158 -2.95 17.85 30.03
N ASN C 159 -2.66 17.41 28.80
CA ASN C 159 -1.95 16.14 28.59
C ASN C 159 -1.17 16.26 27.28
N ILE C 160 -0.14 15.45 27.08
CA ILE C 160 0.58 15.50 25.83
C ILE C 160 0.81 14.07 25.34
N GLY C 161 0.96 13.91 24.01
CA GLY C 161 1.13 12.60 23.42
C GLY C 161 1.71 12.80 22.03
N VAL C 162 1.60 11.78 21.20
CA VAL C 162 2.23 11.74 19.89
C VAL C 162 1.24 11.12 18.87
N SER C 163 1.57 11.17 17.59
CA SER C 163 0.67 10.60 16.64
C SER C 163 1.50 9.92 15.58
N ASN C 164 1.10 8.72 15.15
CA ASN C 164 1.82 8.00 14.10
C ASN C 164 3.22 7.63 14.44
N PHE C 165 3.50 7.49 15.74
CA PHE C 165 4.80 7.00 16.20
C PHE C 165 4.89 5.50 16.13
N THR C 166 6.05 5.02 15.69
CA THR C 166 6.45 3.65 15.79
C THR C 166 6.98 3.33 17.23
N ILE C 167 7.18 2.05 17.49
CA ILE C 167 7.86 1.61 18.70
C ILE C 167 9.15 2.40 18.98
N GLU C 168 10.08 2.41 18.01
CA GLU C 168 11.33 3.10 18.18
C GLU C 168 11.10 4.57 18.39
N ASN C 169 10.10 5.17 17.73
CA ASN C 169 9.75 6.60 18.01
C ASN C 169 9.34 6.84 19.46
N LEU C 170 8.47 5.98 19.97
CA LEU C 170 8.02 6.11 21.33
C LEU C 170 9.24 5.92 22.22
N LYS C 171 10.10 4.95 21.86
CA LYS C 171 11.27 4.66 22.72
C LYS C 171 12.23 5.84 22.82
N SER C 172 12.43 6.56 21.72
CA SER C 172 13.17 7.81 21.77
C SER C 172 12.66 8.76 22.88
N ILE C 173 11.36 8.95 22.99
CA ILE C 173 10.76 9.79 24.05
C ILE C 173 10.82 9.14 25.44
N LEU C 174 10.57 7.83 25.51
CA LEU C 174 10.54 7.18 26.84
C LEU C 174 11.95 7.15 27.46
N ASP C 175 13.00 7.05 26.66
CA ASP C 175 14.34 6.93 27.23
C ASP C 175 14.95 8.29 27.51
N ALA C 176 14.38 9.35 26.99
CA ALA C 176 15.02 10.66 27.11
C ALA C 176 14.81 11.19 28.53
N ASN C 177 15.72 12.03 29.02
CA ASN C 177 15.56 12.64 30.35
C ASN C 177 14.74 13.87 30.31
N THR C 178 13.46 13.70 30.57
CA THR C 178 12.50 14.81 30.49
C THR C 178 11.42 14.39 31.48
N ASP C 179 10.37 15.16 31.69
CA ASP C 179 9.44 14.78 32.78
C ASP C 179 8.18 13.94 32.46
N SER C 180 7.86 13.76 31.18
CA SER C 180 6.56 13.22 30.78
C SER C 180 6.62 12.02 29.81
N ILE C 181 5.80 11.02 30.07
CA ILE C 181 5.54 9.89 29.10
C ILE C 181 4.40 10.33 28.11
N PRO C 182 4.41 9.90 26.82
CA PRO C 182 3.19 10.32 26.08
C PRO C 182 2.01 9.52 26.63
N VAL C 183 0.85 10.12 26.68
CA VAL C 183 -0.31 9.42 27.20
C VAL C 183 -1.17 8.89 26.11
N VAL C 184 -1.00 9.42 24.88
CA VAL C 184 -1.67 8.91 23.70
C VAL C 184 -0.68 8.66 22.54
N ASN C 185 -0.98 7.68 21.70
CA ASN C 185 -0.32 7.59 20.41
C ASN C 185 -1.54 7.48 19.45
N GLN C 186 -1.78 8.52 18.66
CA GLN C 186 -2.93 8.52 17.74
C GLN C 186 -2.47 8.00 16.40
N ILE C 187 -3.00 6.84 15.98
CA ILE C 187 -2.57 6.14 14.75
C ILE C 187 -3.79 5.72 13.87
N GLU C 188 -3.54 5.37 12.61
CA GLU C 188 -4.52 4.73 11.80
C GLU C 188 -4.71 3.31 12.37
N PHE C 189 -6.00 3.02 12.63
CA PHE C 189 -6.43 1.73 13.09
C PHE C 189 -7.87 1.41 12.65
N SER C 190 -8.05 0.20 12.13
CA SER C 190 -9.31 -0.34 11.80
C SER C 190 -9.11 -1.82 11.77
N ALA C 191 -10.20 -2.51 11.51
CA ALA C 191 -10.24 -3.96 11.41
C ALA C 191 -9.40 -4.43 10.24
N TYR C 192 -9.18 -3.54 9.24
CA TYR C 192 -8.21 -3.80 8.16
C TYR C 192 -6.79 -3.26 8.36
N LEU C 193 -6.53 -2.68 9.49
CA LEU C 193 -5.17 -2.18 9.73
C LEU C 193 -5.00 -2.23 11.28
N GLN C 194 -4.85 -3.45 11.79
CA GLN C 194 -4.83 -3.69 13.23
C GLN C 194 -3.43 -3.39 13.84
N ASP C 195 -2.40 -3.13 13.00
CA ASP C 195 -1.13 -2.59 13.53
C ASP C 195 -0.52 -1.59 12.55
N GLN C 196 -0.61 -0.31 12.84
CA GLN C 196 -0.17 0.70 11.84
C GLN C 196 1.29 0.44 11.51
N THR C 197 2.11 0.15 12.52
CA THR C 197 3.44 -0.31 12.24
C THR C 197 3.66 -1.50 13.17
N PRO C 198 4.59 -2.43 12.80
CA PRO C 198 4.61 -3.72 13.53
C PRO C 198 4.69 -3.60 15.06
N GLY C 199 3.81 -4.33 15.73
CA GLY C 199 3.73 -4.36 17.18
C GLY C 199 3.30 -3.10 17.90
N ILE C 200 2.91 -2.05 17.20
CA ILE C 200 2.75 -0.75 17.89
C ILE C 200 1.57 -0.73 18.89
N VAL C 201 0.51 -1.46 18.54
CA VAL C 201 -0.70 -1.49 19.39
C VAL C 201 -0.42 -2.19 20.70
N GLU C 202 -0.03 -3.47 20.64
CA GLU C 202 0.43 -4.20 21.84
C GLU C 202 1.56 -3.45 22.63
N TYR C 203 2.61 -2.93 21.94
CA TYR C 203 3.68 -2.20 22.65
C TYR C 203 3.16 -1.05 23.40
N SER C 204 2.34 -0.24 22.72
CA SER C 204 1.64 0.93 23.33
C SER C 204 0.70 0.53 24.53
N GLN C 205 -0.21 -0.40 24.33
CA GLN C 205 -1.18 -0.82 25.41
C GLN C 205 -0.54 -1.46 26.62
N GLN C 206 0.42 -2.38 26.39
CA GLN C 206 1.27 -2.86 27.48
C GLN C 206 1.98 -1.77 28.30
N GLN C 207 2.43 -0.68 27.67
CA GLN C 207 3.04 0.46 28.37
C GLN C 207 1.93 1.32 29.07
N GLY C 208 0.64 1.02 28.80
CA GLY C 208 -0.49 1.86 29.27
C GLY C 208 -0.65 3.17 28.49
N ILE C 209 -0.01 3.27 27.31
CA ILE C 209 -0.23 4.41 26.38
C ILE C 209 -1.52 4.12 25.64
N LEU C 210 -2.46 5.06 25.67
CA LEU C 210 -3.79 4.89 25.08
C LEU C 210 -3.66 4.95 23.53
N ILE C 211 -4.16 3.95 22.81
CA ILE C 211 -4.28 4.10 21.35
C ILE C 211 -5.59 4.82 20.96
N GLU C 212 -5.46 5.93 20.23
CA GLU C 212 -6.58 6.51 19.44
C GLU C 212 -6.51 6.04 17.98
N ALA C 213 -7.68 5.77 17.40
CA ALA C 213 -7.81 5.21 16.09
C ALA C 213 -8.46 6.19 15.18
N TYR C 214 -7.74 6.66 14.15
CA TYR C 214 -8.41 7.45 13.14
C TYR C 214 -8.53 6.52 11.96
N GLY C 215 -9.36 6.86 10.98
CA GLY C 215 -9.56 5.98 9.79
C GLY C 215 -10.26 4.68 10.20
N PRO C 216 -11.03 4.70 11.32
CA PRO C 216 -11.63 3.43 11.75
C PRO C 216 -12.75 2.85 10.81
N LEU C 217 -13.36 3.69 9.94
CA LEU C 217 -14.40 3.28 8.97
C LEU C 217 -13.77 2.86 7.63
N GLY C 218 -12.44 2.87 7.55
CA GLY C 218 -11.72 2.32 6.40
C GLY C 218 -12.44 1.13 5.73
N PRO C 219 -12.78 0.07 6.50
CA PRO C 219 -13.37 -1.09 5.87
C PRO C 219 -14.62 -0.81 5.05
N ILE C 220 -15.38 0.21 5.39
CA ILE C 220 -16.57 0.50 4.63
C ILE C 220 -16.43 1.71 3.74
N THR C 221 -15.61 2.70 4.10
CA THR C 221 -15.44 3.91 3.23
C THR C 221 -14.60 3.61 1.95
N GLN C 222 -13.61 2.72 2.05
CA GLN C 222 -12.71 2.48 0.91
C GLN C 222 -12.41 1.02 0.77
N GLY C 223 -12.82 0.25 1.76
CA GLY C 223 -12.51 -1.15 1.80
C GLY C 223 -13.45 -2.13 1.13
N ARG C 224 -14.53 -1.66 0.52
CA ARG C 224 -15.49 -2.57 -0.13
C ARG C 224 -15.12 -2.73 -1.59
N PRO C 225 -15.29 -3.95 -2.14
CA PRO C 225 -15.64 -5.13 -1.35
C PRO C 225 -14.44 -5.73 -0.66
N GLY C 226 -14.68 -6.30 0.51
CA GLY C 226 -13.65 -6.92 1.38
C GLY C 226 -14.26 -8.07 2.15
N PRO C 227 -13.41 -8.93 2.73
CA PRO C 227 -13.94 -10.14 3.35
C PRO C 227 -14.80 -9.83 4.60
N LEU C 228 -14.75 -8.60 5.09
CA LEU C 228 -15.63 -8.23 6.18
C LEU C 228 -17.08 -8.00 5.75
N ASP C 229 -17.35 -7.63 4.50
CA ASP C 229 -18.76 -7.33 4.14
C ASP C 229 -19.78 -8.38 4.58
N LYS C 230 -19.52 -9.66 4.36
CA LYS C 230 -20.50 -10.67 4.73
C LYS C 230 -20.70 -10.74 6.25
N VAL C 231 -19.62 -10.51 6.98
CA VAL C 231 -19.66 -10.55 8.43
C VAL C 231 -20.42 -9.36 8.93
N LEU C 232 -20.08 -8.18 8.42
CA LEU C 232 -20.72 -6.95 8.90
C LEU C 232 -22.25 -6.93 8.64
N SER C 233 -22.62 -7.49 7.48
CA SER C 233 -23.99 -7.74 7.14
C SER C 233 -24.79 -8.58 8.15
N LYS C 234 -24.28 -9.78 8.49
CA LYS C 234 -24.96 -10.63 9.52
C LYS C 234 -25.06 -9.87 10.86
N LEU C 235 -24.01 -9.12 11.18
CA LEU C 235 -23.94 -8.42 12.48
C LEU C 235 -24.82 -7.20 12.53
N SER C 236 -24.96 -6.47 11.40
CA SER C 236 -25.97 -5.37 11.35
C SER C 236 -27.35 -5.88 11.62
N GLU C 237 -27.73 -7.01 10.98
CA GLU C 237 -29.04 -7.65 11.22
C GLU C 237 -29.24 -8.12 12.67
N LYS C 238 -28.23 -8.79 13.25
CA LYS C 238 -28.27 -9.32 14.57
C LYS C 238 -28.46 -8.23 15.66
N TYR C 239 -27.72 -7.12 15.59
CA TYR C 239 -27.74 -6.13 16.67
C TYR C 239 -28.54 -4.94 16.33
N LYS C 240 -29.04 -4.91 15.10
CA LYS C 240 -29.87 -3.81 14.65
C LYS C 240 -29.04 -2.53 14.88
N ARG C 241 -27.86 -2.48 14.25
CA ARG C 241 -26.98 -1.30 14.24
C ARG C 241 -26.32 -1.21 12.86
N ASN C 242 -26.02 0.00 12.35
CA ASN C 242 -25.18 0.23 11.11
C ASN C 242 -23.92 -0.59 11.09
N GLU C 243 -23.42 -0.86 9.88
CA GLU C 243 -22.10 -1.39 9.71
C GLU C 243 -21.06 -0.45 10.33
N GLY C 244 -21.25 0.87 10.20
CA GLY C 244 -20.38 1.88 10.86
C GLY C 244 -20.37 1.78 12.38
N GLN C 245 -21.59 1.67 12.98
CA GLN C 245 -21.71 1.46 14.42
C GLN C 245 -21.01 0.18 14.90
N ILE C 246 -21.15 -0.91 14.16
CA ILE C 246 -20.44 -2.16 14.47
C ILE C 246 -18.93 -2.01 14.50
N LEU C 247 -18.34 -1.48 13.42
CA LEU C 247 -16.92 -1.17 13.38
C LEU C 247 -16.43 -0.27 14.52
N LEU C 248 -17.11 0.86 14.75
CA LEU C 248 -16.70 1.74 15.85
C LEU C 248 -16.85 1.05 17.22
N ARG C 249 -17.90 0.23 17.40
CA ARG C 249 -18.00 -0.49 18.63
C ARG C 249 -16.86 -1.49 18.76
N TRP C 250 -16.48 -2.11 17.65
CA TRP C 250 -15.46 -3.13 17.77
C TRP C 250 -14.14 -2.42 18.26
N VAL C 251 -13.88 -1.22 17.73
CA VAL C 251 -12.67 -0.42 18.08
C VAL C 251 -12.63 -0.18 19.59
N LEU C 252 -13.74 0.33 20.12
CA LEU C 252 -13.93 0.46 21.55
C LEU C 252 -13.63 -0.84 22.29
N GLN C 253 -14.06 -2.00 21.73
CA GLN C 253 -13.85 -3.23 22.48
C GLN C 253 -12.42 -3.77 22.43
N ARG C 254 -11.63 -3.28 21.49
CA ARG C 254 -10.19 -3.57 21.45
C ARG C 254 -9.46 -2.61 22.39
N GLY C 255 -10.23 -1.78 23.10
CA GLY C 255 -9.70 -0.88 24.17
C GLY C 255 -9.06 0.35 23.57
N ILE C 256 -9.63 0.82 22.43
CA ILE C 256 -9.06 1.89 21.64
C ILE C 256 -10.12 2.96 21.43
N LEU C 257 -9.69 4.22 21.36
CA LEU C 257 -10.58 5.32 21.18
C LEU C 257 -10.78 5.76 19.68
N PRO C 258 -11.96 5.51 19.09
CA PRO C 258 -12.22 5.90 17.69
C PRO C 258 -12.40 7.37 17.47
N ILE C 259 -11.74 7.86 16.41
CA ILE C 259 -11.96 9.22 15.95
C ILE C 259 -12.60 9.12 14.56
N THR C 260 -13.75 9.77 14.37
CA THR C 260 -14.43 9.70 13.13
C THR C 260 -14.87 11.11 12.79
N THR C 261 -15.55 11.24 11.67
CA THR C 261 -16.06 12.51 11.23
C THR C 261 -17.19 12.23 10.24
N THR C 262 -18.09 13.20 10.13
CA THR C 262 -19.22 13.14 9.22
C THR C 262 -19.80 14.55 8.92
N SER C 263 -20.62 14.65 7.86
CA SER C 263 -21.31 15.92 7.62
C SER C 263 -22.76 15.71 7.88
N LYS C 264 -23.11 14.45 8.17
CA LYS C 264 -24.52 14.08 8.26
C LYS C 264 -25.04 13.99 9.70
N GLU C 265 -26.14 14.72 9.94
CA GLU C 265 -26.87 14.74 11.23
C GLU C 265 -27.15 13.36 11.77
N GLU C 266 -27.69 12.53 10.91
CA GLU C 266 -28.03 11.21 11.32
C GLU C 266 -26.79 10.44 11.78
N ARG C 267 -25.65 10.66 11.14
CA ARG C 267 -24.49 9.91 11.44
C ARG C 267 -23.92 10.34 12.78
N ILE C 268 -23.99 11.61 13.06
CA ILE C 268 -23.58 12.11 14.35
C ILE C 268 -24.28 11.31 15.50
N ASN C 269 -25.56 11.07 15.32
CA ASN C 269 -26.36 10.45 16.36
C ASN C 269 -26.11 8.96 16.43
N ASP C 270 -25.86 8.36 15.27
CA ASP C 270 -25.48 6.98 15.22
C ASP C 270 -24.14 6.75 15.93
N VAL C 271 -23.18 7.67 15.73
CA VAL C 271 -21.87 7.51 16.38
C VAL C 271 -21.99 7.49 17.87
N LEU C 272 -22.83 8.39 18.39
CA LEU C 272 -23.06 8.52 19.84
C LEU C 272 -23.83 7.37 20.52
N GLU C 273 -24.37 6.43 19.78
CA GLU C 273 -25.06 5.28 20.36
C GLU C 273 -24.15 4.08 20.56
N ILE C 274 -22.88 4.17 20.20
CA ILE C 274 -22.00 2.98 20.27
C ILE C 274 -21.79 2.54 21.71
N PHE C 275 -22.08 3.43 22.67
CA PHE C 275 -21.97 3.03 24.06
C PHE C 275 -23.19 2.29 24.55
N ASP C 276 -24.27 2.21 23.74
CA ASP C 276 -25.53 1.56 24.21
C ASP C 276 -25.66 0.06 23.94
N PHE C 277 -24.64 -0.53 23.33
CA PHE C 277 -24.68 -1.95 23.06
C PHE C 277 -23.26 -2.54 23.07
N GLU C 278 -23.20 -3.86 23.14
CA GLU C 278 -21.96 -4.56 23.23
C GLU C 278 -22.03 -5.65 22.16
N LEU C 279 -20.92 -5.84 21.43
CA LEU C 279 -20.68 -6.98 20.54
C LEU C 279 -20.29 -8.17 21.39
N ASP C 280 -20.97 -9.30 21.22
CA ASP C 280 -20.60 -10.52 21.94
C ASP C 280 -19.14 -10.92 21.57
N LYS C 281 -18.45 -11.62 22.48
CA LYS C 281 -17.04 -12.06 22.29
C LYS C 281 -16.76 -12.71 20.96
N GLU C 282 -17.61 -13.67 20.58
CA GLU C 282 -17.41 -14.47 19.39
C GLU C 282 -17.52 -13.55 18.14
N ASP C 283 -18.39 -12.56 18.20
CA ASP C 283 -18.57 -11.65 17.08
C ASP C 283 -17.41 -10.64 17.02
N GLU C 284 -16.96 -10.20 18.20
CA GLU C 284 -15.82 -9.34 18.22
C GLU C 284 -14.58 -10.09 17.64
N ASP C 285 -14.38 -11.36 18.02
CA ASP C 285 -13.24 -12.12 17.53
C ASP C 285 -13.31 -12.42 16.02
N GLN C 286 -14.54 -12.52 15.48
CA GLN C 286 -14.75 -12.78 14.05
C GLN C 286 -14.33 -11.53 13.30
N ILE C 287 -14.75 -10.37 13.78
CA ILE C 287 -14.30 -9.14 13.13
C ILE C 287 -12.77 -9.06 13.09
N THR C 288 -12.13 -9.29 14.26
CA THR C 288 -10.65 -9.28 14.43
C THR C 288 -10.00 -10.22 13.45
N LYS C 289 -10.58 -11.43 13.37
CA LYS C 289 -10.01 -12.50 12.59
C LYS C 289 -10.15 -12.24 11.10
N VAL C 290 -11.38 -12.18 10.61
CA VAL C 290 -11.62 -11.89 9.21
C VAL C 290 -11.00 -10.52 8.78
N GLY C 291 -10.94 -9.55 9.66
CA GLY C 291 -10.28 -8.32 9.33
C GLY C 291 -8.83 -8.52 8.89
N LYS C 292 -8.17 -9.56 9.46
CA LYS C 292 -6.76 -9.81 9.18
C LYS C 292 -6.52 -10.28 7.76
N GLU C 293 -7.60 -10.63 7.08
CA GLU C 293 -7.49 -11.14 5.72
C GLU C 293 -7.31 -10.08 4.63
N LYS C 294 -7.49 -8.81 4.99
CA LYS C 294 -7.20 -7.71 4.05
C LYS C 294 -6.52 -6.53 4.79
N THR C 295 -5.56 -5.94 4.13
CA THR C 295 -4.85 -4.77 4.63
C THR C 295 -5.30 -3.53 3.88
N LEU C 296 -5.73 -2.55 4.63
CA LEU C 296 -6.10 -1.27 4.02
C LEU C 296 -5.45 -0.15 4.75
N ARG C 297 -4.62 0.61 4.04
CA ARG C 297 -3.92 1.76 4.63
C ARG C 297 -4.23 3.05 3.89
N GLN C 298 -4.78 4.03 4.57
CA GLN C 298 -5.19 5.23 3.90
C GLN C 298 -4.29 6.39 4.18
N PHE C 299 -3.43 6.34 5.18
CA PHE C 299 -2.72 7.55 5.65
C PHE C 299 -1.34 7.11 6.02
N SER C 300 -0.42 8.07 6.17
CA SER C 300 0.98 7.77 6.48
C SER C 300 1.44 6.58 5.62
N LYS C 301 1.27 6.78 4.33
CA LYS C 301 1.55 5.72 3.39
C LYS C 301 3.01 5.36 3.28
N GLU C 302 3.95 6.18 3.79
CA GLU C 302 5.34 5.64 3.86
C GLU C 302 5.40 4.39 4.72
N TYR C 303 4.35 4.12 5.51
CA TYR C 303 4.39 2.89 6.36
C TYR C 303 4.02 1.66 5.53
N SER C 304 3.72 1.89 4.25
CA SER C 304 3.43 0.77 3.38
C SER C 304 4.64 -0.16 3.24
N LYS C 305 5.85 0.33 3.58
CA LYS C 305 7.03 -0.58 3.59
C LYS C 305 6.74 -1.87 4.39
N TYR C 306 6.00 -1.75 5.49
CA TYR C 306 5.46 -2.97 6.11
C TYR C 306 4.29 -3.37 5.21
N LYS D 9 20.38 -0.67 -27.92
CA LYS D 9 20.38 0.71 -28.50
C LYS D 9 19.41 1.76 -27.83
N GLU D 10 18.26 2.00 -28.46
CA GLU D 10 17.38 3.16 -28.20
C GLU D 10 15.96 2.67 -28.44
N PHE D 11 15.00 3.55 -28.18
CA PHE D 11 13.66 3.30 -28.63
C PHE D 11 13.26 4.30 -29.68
N LYS D 12 12.30 3.87 -30.50
CA LYS D 12 11.70 4.78 -31.47
C LYS D 12 10.34 5.26 -30.94
N LEU D 13 10.22 6.56 -30.73
CA LEU D 13 8.93 7.19 -30.38
C LEU D 13 7.97 7.26 -31.57
N SER D 14 6.68 7.41 -31.31
CA SER D 14 5.69 7.35 -32.41
C SER D 14 5.94 8.42 -33.50
N ASN D 15 6.59 9.53 -33.12
CA ASN D 15 6.92 10.59 -34.04
C ASN D 15 8.26 10.36 -34.72
N GLY D 16 8.82 9.16 -34.57
CA GLY D 16 10.01 8.75 -35.33
C GLY D 16 11.29 9.14 -34.63
N ASN D 17 11.18 10.04 -33.65
CA ASN D 17 12.33 10.53 -32.88
C ASN D 17 12.89 9.45 -31.94
N LYS D 18 14.21 9.51 -31.71
CA LYS D 18 14.92 8.52 -30.89
C LYS D 18 15.15 8.95 -29.46
N ILE D 19 15.16 7.96 -28.58
CA ILE D 19 15.39 8.15 -27.16
C ILE D 19 16.30 7.05 -26.59
N PRO D 20 17.36 7.45 -25.87
CA PRO D 20 18.23 6.38 -25.42
C PRO D 20 17.49 5.53 -24.39
N ALA D 21 17.67 4.23 -24.57
CA ALA D 21 16.82 3.23 -23.98
C ALA D 21 17.02 3.01 -22.46
N VAL D 22 17.92 3.75 -21.81
CA VAL D 22 18.05 3.63 -20.36
C VAL D 22 18.35 5.04 -19.89
N ALA D 23 17.82 5.44 -18.71
CA ALA D 23 18.05 6.82 -18.20
C ALA D 23 18.63 6.85 -16.79
N PHE D 24 19.28 7.96 -16.44
CA PHE D 24 19.81 8.15 -15.11
C PHE D 24 19.02 9.33 -14.47
N GLY D 25 18.35 9.02 -13.35
CA GLY D 25 17.46 9.99 -12.73
C GLY D 25 18.16 10.87 -11.71
N THR D 26 17.51 11.96 -11.42
CA THR D 26 18.06 12.95 -10.51
C THR D 26 17.00 13.32 -9.52
N GLY D 27 15.96 12.47 -9.49
CA GLY D 27 14.99 12.48 -8.44
C GLY D 27 15.42 11.55 -7.34
N THR D 28 14.39 10.92 -6.74
CA THR D 28 14.54 9.93 -5.72
C THR D 28 15.62 10.21 -4.72
N LYS D 29 16.66 9.40 -4.61
CA LYS D 29 17.63 9.68 -3.56
C LYS D 29 18.33 11.08 -3.74
N TYR D 30 18.31 11.66 -4.95
CA TYR D 30 18.79 13.05 -5.19
C TYR D 30 17.79 14.24 -5.09
N PHE D 31 16.52 13.92 -4.88
CA PHE D 31 15.46 14.92 -4.78
C PHE D 31 15.85 15.84 -3.64
N LYS D 32 15.75 17.16 -3.86
CA LYS D 32 16.24 18.13 -2.89
C LYS D 32 15.17 18.32 -1.83
N ARG D 33 15.45 18.11 -0.53
CA ARG D 33 14.41 18.34 0.49
C ARG D 33 14.88 19.44 1.38
N GLY D 34 14.35 20.63 1.19
CA GLY D 34 14.88 21.74 1.98
C GLY D 34 16.02 22.54 1.33
N HIS D 35 16.57 23.45 2.12
CA HIS D 35 17.36 24.55 1.60
C HIS D 35 18.82 24.28 1.76
N ASN D 36 19.52 24.06 0.64
CA ASN D 36 20.95 23.71 0.57
C ASN D 36 21.62 24.15 -0.73
N ASP D 37 22.95 24.24 -0.66
CA ASP D 37 23.77 24.66 -1.81
C ASP D 37 23.94 23.44 -2.72
N LEU D 38 24.59 23.64 -3.86
CA LEU D 38 24.80 22.61 -4.91
C LEU D 38 25.18 21.28 -4.35
N ASP D 39 24.62 20.23 -4.95
CA ASP D 39 25.04 18.84 -4.66
C ASP D 39 26.24 18.29 -5.47
N LYS D 40 27.45 18.44 -4.92
CA LYS D 40 28.68 18.16 -5.70
C LYS D 40 28.94 16.70 -5.97
N GLN D 41 28.45 15.79 -5.09
CA GLN D 41 28.59 14.33 -5.33
C GLN D 41 27.72 13.96 -6.55
N LEU D 42 26.47 14.41 -6.51
CA LEU D 42 25.63 14.34 -7.68
C LEU D 42 26.29 14.90 -8.96
N ILE D 43 26.84 16.11 -8.87
CA ILE D 43 27.50 16.71 -10.02
C ILE D 43 28.56 15.72 -10.52
N GLY D 44 29.45 15.29 -9.61
CA GLY D 44 30.45 14.27 -9.93
C GLY D 44 29.87 13.01 -10.55
N THR D 45 28.81 12.46 -9.96
CA THR D 45 28.22 11.19 -10.43
C THR D 45 27.57 11.31 -11.80
N LEU D 46 26.93 12.46 -12.06
CA LEU D 46 26.43 12.75 -13.39
C LEU D 46 27.52 12.77 -14.47
N GLU D 47 28.69 13.38 -14.16
CA GLU D 47 29.81 13.51 -15.16
C GLU D 47 30.30 12.13 -15.47
N LEU D 48 30.34 11.33 -14.42
CA LEU D 48 30.85 9.97 -14.52
C LEU D 48 29.93 9.15 -15.41
N ALA D 49 28.64 9.38 -15.22
CA ALA D 49 27.57 8.64 -15.87
C ALA D 49 27.66 8.93 -17.37
N LEU D 50 27.72 10.21 -17.67
CA LEU D 50 27.96 10.71 -19.00
C LEU D 50 29.22 10.08 -19.68
N ARG D 51 30.39 10.20 -19.03
CA ARG D 51 31.62 9.78 -19.73
C ARG D 51 31.59 8.27 -19.96
N SER D 52 30.79 7.58 -19.14
CA SER D 52 30.74 6.13 -19.12
C SER D 52 29.87 5.62 -20.26
N GLY D 53 29.00 6.48 -20.81
CA GLY D 53 28.07 6.14 -21.90
C GLY D 53 26.58 6.43 -21.65
N PHE D 54 26.22 6.92 -20.46
CA PHE D 54 24.86 7.42 -20.29
C PHE D 54 24.66 8.62 -21.24
N ARG D 55 23.51 8.63 -21.89
CA ARG D 55 23.15 9.66 -22.85
C ARG D 55 21.74 10.14 -22.52
N HIS D 56 21.20 9.77 -21.38
CA HIS D 56 19.82 10.13 -21.15
C HIS D 56 19.67 10.43 -19.66
N ILE D 57 19.34 11.67 -19.30
CA ILE D 57 19.19 12.13 -17.86
C ILE D 57 17.75 12.52 -17.51
N ASP D 58 17.26 12.02 -16.37
CA ASP D 58 15.85 12.23 -16.06
C ASP D 58 15.77 13.23 -14.93
N GLY D 59 15.20 14.38 -15.23
CA GLY D 59 15.22 15.51 -14.32
C GLY D 59 13.81 16.00 -14.19
N ALA D 60 13.61 16.99 -13.35
CA ALA D 60 12.28 17.52 -13.14
C ALA D 60 12.40 18.81 -12.38
N GLU D 61 11.55 19.75 -12.73
CA GLU D 61 11.50 21.02 -11.99
C GLU D 61 11.55 20.83 -10.46
N ILE D 62 10.85 19.82 -9.95
CA ILE D 62 10.58 19.74 -8.48
C ILE D 62 11.80 19.15 -7.75
N TYR D 63 12.71 18.47 -8.47
CA TYR D 63 13.91 17.89 -7.82
C TYR D 63 14.88 18.94 -7.24
N GLY D 64 14.90 20.16 -7.78
CA GLY D 64 15.92 21.10 -7.38
C GLY D 64 17.29 20.70 -7.94
N THR D 65 17.36 19.79 -8.93
CA THR D 65 18.63 19.24 -9.40
C THR D 65 18.96 19.64 -10.86
N ASN D 66 18.10 20.42 -11.48
CA ASN D 66 18.41 20.92 -12.80
C ASN D 66 19.79 21.66 -12.91
N LYS D 67 20.14 22.51 -11.93
CA LYS D 67 21.35 23.32 -12.04
C LYS D 67 22.53 22.37 -12.11
N GLU D 68 22.45 21.36 -11.26
CA GLU D 68 23.45 20.28 -11.18
C GLU D 68 23.61 19.57 -12.54
N ILE D 69 22.47 19.28 -13.16
CA ILE D 69 22.47 18.66 -14.49
C ILE D 69 23.21 19.63 -15.44
N GLY D 70 22.88 20.92 -15.37
CA GLY D 70 23.52 22.00 -16.20
C GLY D 70 25.03 21.96 -16.01
N ILE D 71 25.45 21.97 -14.76
CA ILE D 71 26.87 21.92 -14.44
C ILE D 71 27.59 20.66 -15.02
N ALA D 72 27.04 19.46 -14.78
CA ALA D 72 27.64 18.22 -15.30
C ALA D 72 27.81 18.27 -16.81
N LEU D 73 26.75 18.77 -17.45
CA LEU D 73 26.67 18.85 -18.90
C LEU D 73 27.76 19.69 -19.57
N LYS D 74 27.96 20.92 -19.09
CA LYS D 74 29.04 21.71 -19.69
C LYS D 74 30.42 21.21 -19.25
N ASN D 75 30.54 20.70 -18.02
CA ASN D 75 31.84 20.15 -17.56
C ASN D 75 32.36 18.99 -18.43
N VAL D 76 31.46 18.09 -18.88
CA VAL D 76 31.82 16.98 -19.82
C VAL D 76 32.05 17.47 -21.23
N GLY D 77 31.03 18.14 -21.79
CA GLY D 77 31.12 18.78 -23.09
C GLY D 77 30.85 17.88 -24.27
N LEU D 78 29.95 16.93 -24.11
CA LEU D 78 29.46 16.08 -25.22
C LEU D 78 28.70 16.93 -26.25
N ASN D 79 28.46 16.42 -27.47
CA ASN D 79 27.62 17.20 -28.38
C ASN D 79 26.14 17.21 -27.93
N ARG D 80 25.59 18.41 -27.70
CA ARG D 80 24.18 18.62 -27.31
C ARG D 80 23.22 17.60 -27.97
N LYS D 81 23.47 17.29 -29.26
CA LYS D 81 22.61 16.35 -30.01
C LYS D 81 22.83 14.85 -29.75
N ASP D 82 23.93 14.46 -29.10
CA ASP D 82 24.14 13.05 -28.68
C ASP D 82 23.53 12.73 -27.29
N VAL D 83 23.10 13.76 -26.56
CA VAL D 83 22.49 13.58 -25.22
C VAL D 83 20.99 13.95 -25.17
N PHE D 84 20.27 13.31 -24.26
CA PHE D 84 18.80 13.42 -24.14
C PHE D 84 18.39 13.86 -22.72
N ILE D 85 17.71 14.98 -22.63
CA ILE D 85 17.44 15.59 -21.37
C ILE D 85 15.93 15.75 -21.16
N THR D 86 15.41 15.16 -20.09
CA THR D 86 13.97 15.19 -19.85
C THR D 86 13.80 16.11 -18.68
N ASP D 87 12.83 17.00 -18.77
CA ASP D 87 12.40 17.83 -17.64
C ASP D 87 10.90 17.60 -17.41
N LYS D 88 10.41 18.02 -16.25
CA LYS D 88 8.98 17.83 -15.97
C LYS D 88 8.43 19.04 -15.26
N TYR D 89 7.26 19.48 -15.68
CA TYR D 89 6.51 20.55 -15.06
C TYR D 89 6.07 20.10 -13.66
N ASN D 90 6.34 20.88 -12.61
CA ASN D 90 5.78 20.51 -11.29
C ASN D 90 4.28 20.78 -11.19
N SER D 91 3.47 19.79 -11.52
CA SER D 91 2.04 20.06 -11.63
C SER D 91 1.26 19.98 -10.34
N GLY D 92 1.84 19.45 -9.28
CA GLY D 92 1.09 19.41 -8.00
C GLY D 92 0.61 18.00 -7.64
N ASN D 93 0.09 17.85 -6.43
CA ASN D 93 -0.34 16.56 -5.89
C ASN D 93 -1.81 16.32 -5.94
N HIS D 94 -2.20 15.08 -5.64
CA HIS D 94 -3.59 14.66 -5.72
C HIS D 94 -4.54 15.40 -4.83
N THR D 95 -4.02 16.28 -3.96
CA THR D 95 -4.97 17.14 -3.13
C THR D 95 -5.40 18.44 -3.82
N TYR D 96 -4.75 18.76 -4.97
CA TYR D 96 -4.97 19.97 -5.72
C TYR D 96 -4.74 21.21 -4.83
N ASP D 97 -3.72 21.17 -3.95
CA ASP D 97 -3.60 22.20 -2.87
C ASP D 97 -2.93 23.52 -3.23
N GLY D 98 -2.64 23.69 -4.51
CA GLY D 98 -1.98 24.87 -5.02
C GLY D 98 -0.46 24.86 -4.88
N LYS D 99 0.10 23.79 -4.34
CA LYS D 99 1.51 23.83 -4.00
C LYS D 99 2.38 23.18 -5.07
N HIS D 100 2.48 23.81 -6.23
CA HIS D 100 3.20 23.22 -7.38
C HIS D 100 4.20 24.29 -7.91
N SER D 101 4.55 24.30 -9.22
CA SER D 101 5.40 25.37 -9.84
C SER D 101 5.11 26.76 -9.29
N LYS D 102 6.19 27.50 -8.95
CA LYS D 102 6.09 28.93 -8.63
C LYS D 102 5.85 29.75 -9.89
N HIS D 103 6.02 29.13 -11.05
CA HIS D 103 5.71 29.79 -12.32
C HIS D 103 4.21 29.71 -12.65
N GLN D 104 3.72 30.66 -13.43
CA GLN D 104 2.31 30.74 -13.78
C GLN D 104 1.79 29.62 -14.70
N ASN D 105 2.67 28.97 -15.42
CA ASN D 105 2.25 27.90 -16.32
C ASN D 105 3.46 27.11 -16.81
N PRO D 106 3.23 25.93 -17.46
CA PRO D 106 4.35 25.09 -17.87
C PRO D 106 5.31 25.71 -18.89
N TYR D 107 4.77 26.53 -19.79
CA TYR D 107 5.60 27.30 -20.72
C TYR D 107 6.66 28.12 -19.99
N ASN D 108 6.22 29.02 -19.12
CA ASN D 108 7.14 29.81 -18.27
C ASN D 108 8.05 28.90 -17.42
N ALA D 109 7.44 27.92 -16.73
CA ALA D 109 8.21 26.98 -15.89
C ALA D 109 9.40 26.40 -16.66
N LEU D 110 9.13 25.87 -17.86
CA LEU D 110 10.17 25.26 -18.66
C LEU D 110 11.27 26.33 -18.98
N LYS D 111 10.84 27.51 -19.43
CA LYS D 111 11.82 28.58 -19.75
C LYS D 111 12.70 28.88 -18.53
N ALA D 112 12.13 28.77 -17.33
CA ALA D 112 12.86 29.09 -16.10
C ALA D 112 13.90 28.01 -15.84
N ASP D 113 13.46 26.75 -16.05
CA ASP D 113 14.32 25.57 -15.96
C ASP D 113 15.45 25.51 -16.96
N LEU D 114 15.18 26.01 -18.16
CA LEU D 114 16.22 26.01 -19.21
C LEU D 114 17.38 26.89 -18.86
N GLU D 115 17.17 27.95 -18.09
CA GLU D 115 18.30 28.81 -17.61
C GLU D 115 19.05 28.10 -16.45
N ASP D 116 18.28 27.48 -15.56
CA ASP D 116 18.83 26.53 -14.58
C ASP D 116 19.74 25.46 -15.30
N LEU D 117 19.20 24.77 -16.30
CA LEU D 117 19.98 23.79 -17.07
C LEU D 117 21.01 24.40 -17.99
N GLY D 118 20.90 25.70 -18.32
CA GLY D 118 21.80 26.31 -19.30
C GLY D 118 21.69 25.70 -20.71
N LEU D 119 20.49 25.32 -21.15
CA LEU D 119 20.33 24.85 -22.54
C LEU D 119 19.27 25.65 -23.25
N GLU D 120 19.26 25.55 -24.58
CA GLU D 120 18.27 26.27 -25.38
C GLU D 120 16.99 25.41 -25.62
N TYR D 121 17.02 24.15 -25.18
CA TYR D 121 15.82 23.28 -25.21
C TYR D 121 15.99 21.99 -24.33
N VAL D 122 14.88 21.33 -23.99
CA VAL D 122 14.95 19.92 -23.57
C VAL D 122 14.53 18.94 -24.70
N ASP D 123 14.92 17.68 -24.60
CA ASP D 123 14.44 16.69 -25.56
C ASP D 123 13.02 16.22 -25.24
N LEU D 124 12.69 16.12 -23.95
CA LEU D 124 11.36 15.61 -23.50
C LEU D 124 10.89 16.46 -22.35
N TYR D 125 9.65 16.88 -22.38
CA TYR D 125 9.09 17.68 -21.29
C TYR D 125 7.77 17.06 -20.90
N LEU D 126 7.62 16.78 -19.62
CA LEU D 126 6.49 15.98 -19.14
C LEU D 126 5.63 16.72 -18.15
N ILE D 127 4.33 16.55 -18.23
CA ILE D 127 3.48 16.96 -17.12
C ILE D 127 3.76 15.91 -16.07
N HIS D 128 4.26 16.35 -14.93
CA HIS D 128 4.78 15.42 -13.89
C HIS D 128 3.69 14.57 -13.28
N PHE D 129 2.57 15.23 -12.94
CA PHE D 129 1.43 14.55 -12.31
C PHE D 129 0.11 14.98 -12.92
N PRO D 130 -0.91 14.09 -12.88
CA PRO D 130 -2.14 14.47 -13.60
C PRO D 130 -3.14 15.26 -12.75
N TYR D 131 -2.67 16.11 -11.84
CA TYR D 131 -3.60 16.78 -10.95
C TYR D 131 -3.60 18.27 -11.18
N ILE D 132 -4.37 18.69 -12.17
CA ILE D 132 -4.42 20.06 -12.66
C ILE D 132 -5.92 20.51 -12.76
N SER D 133 -6.23 21.70 -12.28
CA SER D 133 -7.63 22.18 -12.28
C SER D 133 -7.68 23.74 -12.34
N GLU D 134 -8.76 24.31 -12.91
CA GLU D 134 -8.93 25.75 -12.91
C GLU D 134 -8.65 26.34 -11.55
N LYS D 135 -9.43 25.87 -10.58
CA LYS D 135 -9.37 26.27 -9.15
C LYS D 135 -7.99 26.37 -8.58
N SER D 136 -7.20 25.33 -8.83
CA SER D 136 -5.91 25.18 -8.17
C SER D 136 -4.82 25.82 -8.97
N HIS D 137 -5.00 25.87 -10.30
CA HIS D 137 -3.98 26.15 -11.33
C HIS D 137 -4.34 27.30 -12.24
N GLY D 138 -5.60 27.73 -12.20
CA GLY D 138 -6.10 28.69 -13.23
C GLY D 138 -6.31 28.10 -14.65
N PHE D 139 -6.06 26.81 -14.84
CA PHE D 139 -6.30 26.15 -16.16
C PHE D 139 -6.50 24.64 -15.96
N ASP D 140 -7.13 23.95 -16.92
CA ASP D 140 -7.39 22.53 -16.72
C ASP D 140 -6.32 21.65 -17.33
N LEU D 141 -6.54 20.35 -17.29
CA LEU D 141 -5.58 19.41 -17.81
C LEU D 141 -5.26 19.60 -19.30
N VAL D 142 -6.31 19.60 -20.13
CA VAL D 142 -6.17 19.83 -21.55
C VAL D 142 -5.39 21.15 -21.81
N GLU D 143 -5.79 22.23 -21.14
CA GLU D 143 -5.15 23.55 -21.27
C GLU D 143 -3.65 23.45 -20.91
N ALA D 144 -3.31 22.71 -19.84
CA ALA D 144 -1.91 22.47 -19.50
C ALA D 144 -1.10 21.83 -20.66
N TRP D 145 -1.71 20.86 -21.34
CA TRP D 145 -1.11 20.22 -22.53
C TRP D 145 -0.84 21.17 -23.73
N ARG D 146 -1.76 22.08 -23.95
CA ARG D 146 -1.59 23.13 -24.92
C ARG D 146 -0.42 24.02 -24.59
N TYR D 147 -0.07 24.14 -23.31
CA TYR D 147 1.10 24.95 -22.99
C TYR D 147 2.34 24.17 -23.33
N LEU D 148 2.31 22.85 -23.13
CA LEU D 148 3.42 22.02 -23.60
C LEU D 148 3.51 22.11 -25.10
N GLU D 149 2.35 22.21 -25.75
CA GLU D 149 2.33 22.35 -27.20
C GLU D 149 2.91 23.65 -27.70
N ARG D 150 2.59 24.78 -27.05
CA ARG D 150 3.26 26.05 -27.36
C ARG D 150 4.77 25.86 -27.21
N ALA D 151 5.21 25.30 -26.09
CA ALA D 151 6.62 24.89 -25.92
C ALA D 151 7.18 24.05 -27.09
N LYS D 152 6.45 23.03 -27.51
CA LYS D 152 6.97 22.19 -28.53
C LYS D 152 7.13 23.03 -29.80
N ASN D 153 6.05 23.70 -30.19
CA ASN D 153 6.03 24.42 -31.43
C ASN D 153 7.07 25.52 -31.50
N GLU D 154 7.50 26.07 -30.36
CA GLU D 154 8.58 27.07 -30.42
C GLU D 154 9.98 26.43 -30.37
N GLY D 155 10.04 25.10 -30.34
CA GLY D 155 11.30 24.40 -30.20
C GLY D 155 11.94 24.35 -28.82
N LEU D 156 11.24 24.77 -27.75
CA LEU D 156 11.79 24.66 -26.38
C LEU D 156 11.82 23.19 -25.89
N ALA D 157 10.88 22.38 -26.37
CA ALA D 157 10.93 20.93 -26.12
C ALA D 157 10.77 20.18 -27.43
N ARG D 158 11.66 19.23 -27.66
CA ARG D 158 11.64 18.48 -28.92
C ARG D 158 10.47 17.53 -28.91
N ASN D 159 10.24 16.87 -27.75
CA ASN D 159 9.12 15.99 -27.51
C ASN D 159 8.38 16.36 -26.23
N ILE D 160 7.12 15.94 -26.14
CA ILE D 160 6.30 16.20 -24.99
C ILE D 160 5.42 14.97 -24.61
N GLY D 161 5.26 14.78 -23.29
CA GLY D 161 4.59 13.59 -22.81
C GLY D 161 4.09 13.82 -21.37
N VAL D 162 3.69 12.74 -20.69
CA VAL D 162 3.03 12.81 -19.43
C VAL D 162 3.67 11.80 -18.47
N SER D 163 3.31 11.88 -17.21
CA SER D 163 3.85 10.97 -16.21
C SER D 163 2.73 10.64 -15.18
N ASN D 164 2.64 9.37 -14.78
CA ASN D 164 1.68 8.97 -13.78
C ASN D 164 0.19 9.12 -14.23
N PHE D 165 -0.06 9.11 -15.56
CA PHE D 165 -1.43 9.24 -16.10
C PHE D 165 -2.17 7.89 -16.14
N THR D 166 -3.46 7.96 -15.87
CA THR D 166 -4.29 6.80 -16.02
C THR D 166 -4.84 6.76 -17.45
N ILE D 167 -5.63 5.72 -17.74
CA ILE D 167 -6.41 5.69 -18.97
C ILE D 167 -7.25 6.92 -19.20
N GLU D 168 -8.03 7.35 -18.20
CA GLU D 168 -8.87 8.56 -18.38
C GLU D 168 -8.09 9.84 -18.53
N ASN D 169 -6.99 9.99 -17.82
CA ASN D 169 -6.11 11.15 -18.00
C ASN D 169 -5.56 11.18 -19.45
N LEU D 170 -5.09 10.04 -19.94
CA LEU D 170 -4.64 9.97 -21.36
C LEU D 170 -5.77 10.33 -22.35
N LYS D 171 -6.96 9.76 -22.12
CA LYS D 171 -8.07 9.97 -23.04
C LYS D 171 -8.48 11.42 -23.07
N SER D 172 -8.37 12.10 -21.93
CA SER D 172 -8.64 13.53 -21.85
C SER D 172 -7.77 14.27 -22.89
N ILE D 173 -6.49 13.97 -22.90
CA ILE D 173 -5.59 14.59 -23.86
C ILE D 173 -5.92 14.14 -25.29
N LEU D 174 -5.91 12.84 -25.54
CA LEU D 174 -6.30 12.25 -26.84
C LEU D 174 -7.59 12.83 -27.45
N ASP D 175 -8.63 13.07 -26.65
CA ASP D 175 -9.90 13.58 -27.19
C ASP D 175 -9.98 15.07 -27.44
N ALA D 176 -8.99 15.80 -26.94
CA ALA D 176 -8.98 17.23 -27.09
C ALA D 176 -8.63 17.52 -28.52
N ASN D 177 -9.02 18.71 -28.97
CA ASN D 177 -8.61 19.22 -30.26
C ASN D 177 -7.13 19.57 -30.19
N THR D 178 -6.27 18.69 -30.67
CA THR D 178 -4.88 18.91 -30.42
C THR D 178 -3.95 18.31 -31.48
N ASP D 179 -2.85 18.98 -31.76
CA ASP D 179 -1.94 18.53 -32.83
C ASP D 179 -0.95 17.43 -32.46
N SER D 180 -0.88 17.15 -31.16
CA SER D 180 0.08 16.23 -30.59
C SER D 180 -0.57 15.28 -29.59
N ILE D 181 -0.02 14.07 -29.61
CA ILE D 181 -0.42 12.99 -28.77
C ILE D 181 0.80 12.83 -27.87
N PRO D 182 0.63 12.55 -26.56
CA PRO D 182 1.83 12.29 -25.74
C PRO D 182 2.70 11.18 -26.35
N VAL D 183 4.00 11.34 -26.30
CA VAL D 183 4.88 10.31 -26.81
C VAL D 183 5.34 9.33 -25.70
N VAL D 184 5.32 9.82 -24.47
CA VAL D 184 5.72 9.02 -23.34
C VAL D 184 4.65 9.20 -22.24
N ASN D 185 4.49 8.12 -21.45
CA ASN D 185 3.82 8.14 -20.13
C ASN D 185 4.79 7.48 -19.15
N GLN D 186 5.45 8.30 -18.33
CA GLN D 186 6.41 7.80 -17.33
C GLN D 186 5.62 7.41 -16.06
N ILE D 187 5.57 6.12 -15.76
CA ILE D 187 4.86 5.64 -14.55
C ILE D 187 5.81 4.79 -13.69
N GLU D 188 5.41 4.52 -12.44
CA GLU D 188 6.06 3.42 -11.70
C GLU D 188 5.85 2.04 -12.38
N PHE D 189 6.93 1.34 -12.66
CA PHE D 189 6.79 0.00 -13.28
C PHE D 189 7.96 -0.90 -12.89
N SER D 190 7.62 -2.09 -12.38
CA SER D 190 8.63 -3.11 -11.96
C SER D 190 7.94 -4.46 -12.13
N ALA D 191 8.63 -5.54 -11.88
CA ALA D 191 7.98 -6.83 -12.06
C ALA D 191 6.94 -7.02 -10.95
N TYR D 192 7.00 -6.19 -9.88
CA TYR D 192 5.98 -6.24 -8.84
C TYR D 192 4.87 -5.20 -8.99
N LEU D 193 4.88 -4.45 -10.10
CA LEU D 193 3.90 -3.41 -10.39
C LEU D 193 3.83 -3.28 -11.92
N GLN D 194 3.22 -4.27 -12.55
CA GLN D 194 3.13 -4.28 -14.01
C GLN D 194 2.10 -3.29 -14.56
N ASP D 195 1.22 -2.76 -13.73
CA ASP D 195 0.31 -1.76 -14.18
C ASP D 195 0.12 -0.77 -13.08
N GLN D 196 0.70 0.45 -13.20
CA GLN D 196 0.57 1.41 -12.12
C GLN D 196 -0.91 1.65 -11.77
N THR D 197 -1.74 1.80 -12.80
CA THR D 197 -3.17 1.93 -12.65
C THR D 197 -3.74 0.94 -13.71
N PRO D 198 -5.00 0.50 -13.55
CA PRO D 198 -5.44 -0.70 -14.25
C PRO D 198 -5.50 -0.52 -15.76
N GLY D 199 -4.92 -1.51 -16.46
CA GLY D 199 -4.75 -1.48 -17.92
C GLY D 199 -3.83 -0.42 -18.52
N ILE D 200 -3.05 0.32 -17.72
CA ILE D 200 -2.32 1.50 -18.28
C ILE D 200 -1.19 1.13 -19.32
N VAL D 201 -0.43 0.05 -19.03
CA VAL D 201 0.69 -0.32 -19.90
C VAL D 201 0.18 -0.69 -21.31
N GLU D 202 -0.69 -1.70 -21.38
CA GLU D 202 -1.28 -2.13 -22.63
C GLU D 202 -2.03 -0.97 -23.37
N TYR D 203 -2.99 -0.32 -22.70
CA TYR D 203 -3.61 0.87 -23.29
C TYR D 203 -2.62 1.89 -23.86
N SER D 204 -1.60 2.23 -23.08
CA SER D 204 -0.74 3.34 -23.50
C SER D 204 -0.01 2.92 -24.77
N GLN D 205 0.41 1.67 -24.79
CA GLN D 205 1.19 1.08 -25.89
C GLN D 205 0.33 1.01 -27.12
N GLN D 206 -0.96 0.71 -26.94
CA GLN D 206 -1.83 0.56 -28.09
C GLN D 206 -2.01 1.83 -28.86
N GLN D 207 -1.83 2.97 -28.17
CA GLN D 207 -1.87 4.32 -28.77
C GLN D 207 -0.52 4.68 -29.40
N GLY D 208 0.49 3.83 -29.16
CA GLY D 208 1.86 4.04 -29.61
C GLY D 208 2.64 4.83 -28.63
N ILE D 209 2.13 4.92 -27.39
CA ILE D 209 2.79 5.71 -26.36
C ILE D 209 3.86 4.85 -25.69
N LEU D 210 5.13 5.28 -25.72
CA LEU D 210 6.16 4.61 -24.95
C LEU D 210 5.97 4.78 -23.43
N ILE D 211 5.92 3.64 -22.71
CA ILE D 211 6.07 3.61 -21.22
C ILE D 211 7.53 3.74 -20.78
N GLU D 212 7.84 4.70 -19.94
CA GLU D 212 9.12 4.74 -19.27
C GLU D 212 8.79 4.23 -17.87
N ALA D 213 9.71 3.47 -17.27
CA ALA D 213 9.49 2.87 -15.95
C ALA D 213 10.40 3.49 -14.95
N TYR D 214 9.87 4.06 -13.86
CA TYR D 214 10.76 4.44 -12.78
C TYR D 214 10.51 3.43 -11.71
N GLY D 215 11.41 3.36 -10.74
CA GLY D 215 11.25 2.41 -9.67
C GLY D 215 11.33 0.98 -10.11
N PRO D 216 12.05 0.69 -11.23
CA PRO D 216 12.11 -0.73 -11.71
C PRO D 216 12.89 -1.68 -10.81
N LEU D 217 13.71 -1.19 -9.89
CA LEU D 217 14.48 -2.12 -9.03
C LEU D 217 13.71 -2.39 -7.75
N GLY D 218 12.47 -1.86 -7.59
CA GLY D 218 11.66 -2.01 -6.35
C GLY D 218 11.73 -3.47 -5.85
N PRO D 219 11.62 -4.46 -6.76
CA PRO D 219 11.65 -5.77 -6.21
C PRO D 219 12.88 -6.09 -5.36
N ILE D 220 14.06 -5.51 -5.67
CA ILE D 220 15.22 -5.80 -4.85
C ILE D 220 15.46 -4.74 -3.82
N THR D 221 15.05 -3.51 -4.08
CA THR D 221 15.39 -2.44 -3.15
C THR D 221 14.49 -2.43 -1.91
N GLN D 222 13.27 -2.95 -2.06
CA GLN D 222 12.25 -2.91 -1.04
C GLN D 222 11.43 -4.19 -1.06
N GLY D 223 11.49 -4.97 -2.15
CA GLY D 223 10.67 -6.16 -2.31
C GLY D 223 11.10 -7.44 -1.60
N ARG D 224 12.31 -7.49 -1.05
CA ARG D 224 12.78 -8.68 -0.38
C ARG D 224 12.31 -8.77 1.08
N PRO D 225 11.94 -9.98 1.56
CA PRO D 225 11.78 -11.22 0.81
C PRO D 225 10.49 -11.14 0.01
N GLY D 226 10.53 -11.60 -1.24
CA GLY D 226 9.35 -11.73 -2.08
C GLY D 226 9.59 -12.91 -3.01
N PRO D 227 8.57 -13.33 -3.77
CA PRO D 227 8.71 -14.63 -4.48
C PRO D 227 9.65 -14.58 -5.73
N LEU D 228 10.06 -13.39 -6.18
CA LEU D 228 11.14 -13.35 -7.14
C LEU D 228 12.54 -13.78 -6.61
N ASP D 229 12.75 -13.85 -5.29
CA ASP D 229 14.13 -14.06 -4.79
C ASP D 229 14.80 -15.32 -5.35
N LYS D 230 14.03 -16.42 -5.39
CA LYS D 230 14.52 -17.72 -5.77
C LYS D 230 14.69 -17.71 -7.26
N VAL D 231 13.82 -16.99 -7.96
CA VAL D 231 13.89 -16.86 -9.43
C VAL D 231 15.14 -16.03 -9.90
N LEU D 232 15.34 -14.86 -9.30
CA LEU D 232 16.47 -13.98 -9.62
C LEU D 232 17.81 -14.55 -9.19
N SER D 233 17.84 -15.37 -8.14
CA SER D 233 19.05 -16.10 -7.76
C SER D 233 19.56 -17.07 -8.87
N LYS D 234 18.66 -17.92 -9.38
CA LYS D 234 18.96 -18.88 -10.44
C LYS D 234 19.43 -18.14 -11.67
N LEU D 235 18.68 -17.11 -12.05
CA LEU D 235 18.91 -16.37 -13.29
C LEU D 235 20.26 -15.68 -13.27
N SER D 236 20.63 -15.24 -12.09
CA SER D 236 21.89 -14.56 -11.86
C SER D 236 23.10 -15.48 -11.97
N GLU D 237 22.95 -16.72 -11.53
CA GLU D 237 24.01 -17.70 -11.69
C GLU D 237 24.02 -18.13 -13.15
N LYS D 238 22.86 -18.08 -13.81
CA LYS D 238 22.74 -18.57 -15.21
C LYS D 238 23.30 -17.57 -16.25
N TYR D 239 23.14 -16.27 -16.00
CA TYR D 239 23.60 -15.26 -16.95
C TYR D 239 24.90 -14.58 -16.50
N LYS D 240 25.33 -14.86 -15.28
CA LYS D 240 26.46 -14.14 -14.67
C LYS D 240 26.28 -12.60 -14.69
N ARG D 241 25.10 -12.19 -14.26
CA ARG D 241 24.73 -10.80 -14.17
C ARG D 241 24.02 -10.69 -12.83
N ASN D 242 24.13 -9.53 -12.20
CA ASN D 242 23.55 -9.38 -10.90
C ASN D 242 22.01 -9.24 -11.05
N GLU D 243 21.30 -9.22 -9.92
CA GLU D 243 19.86 -9.26 -9.97
C GLU D 243 19.31 -7.93 -10.54
N GLY D 244 19.94 -6.81 -10.21
CA GLY D 244 19.58 -5.49 -10.82
C GLY D 244 19.59 -5.44 -12.34
N GLN D 245 20.73 -5.85 -12.90
CA GLN D 245 20.85 -6.04 -14.35
C GLN D 245 19.75 -6.96 -14.89
N ILE D 246 19.46 -8.05 -14.19
CA ILE D 246 18.46 -8.99 -14.65
C ILE D 246 17.06 -8.27 -14.70
N LEU D 247 16.72 -7.52 -13.62
CA LEU D 247 15.49 -6.74 -13.60
C LEU D 247 15.46 -5.68 -14.69
N LEU D 248 16.54 -4.91 -14.76
CA LEU D 248 16.63 -3.83 -15.76
C LEU D 248 16.50 -4.37 -17.19
N ARG D 249 17.21 -5.47 -17.52
CA ARG D 249 17.06 -6.16 -18.85
C ARG D 249 15.61 -6.62 -19.10
N TRP D 250 14.95 -7.15 -18.08
CA TRP D 250 13.55 -7.57 -18.20
C TRP D 250 12.60 -6.43 -18.56
N VAL D 251 12.75 -5.30 -17.90
CA VAL D 251 12.00 -4.10 -18.24
C VAL D 251 12.22 -3.73 -19.70
N LEU D 252 13.48 -3.65 -20.11
CA LEU D 252 13.82 -3.48 -21.55
C LEU D 252 13.06 -4.46 -22.42
N GLN D 253 13.03 -5.73 -22.00
CA GLN D 253 12.40 -6.75 -22.87
C GLN D 253 10.88 -6.69 -22.95
N ARG D 254 10.21 -6.12 -21.92
CA ARG D 254 8.77 -5.88 -22.01
C ARG D 254 8.41 -4.72 -22.97
N GLY D 255 9.41 -4.04 -23.54
CA GLY D 255 9.12 -2.92 -24.47
C GLY D 255 9.08 -1.59 -23.73
N ILE D 256 9.80 -1.52 -22.60
CA ILE D 256 9.73 -0.41 -21.74
C ILE D 256 11.11 0.18 -21.38
N LEU D 257 11.12 1.48 -21.15
CA LEU D 257 12.36 2.22 -20.92
C LEU D 257 12.66 2.39 -19.40
N PRO D 258 13.66 1.69 -18.85
CA PRO D 258 13.92 1.81 -17.40
C PRO D 258 14.72 3.08 -17.02
N ILE D 259 14.24 3.74 -15.97
CA ILE D 259 14.93 4.86 -15.35
C ILE D 259 15.43 4.34 -13.99
N THR D 260 16.71 4.44 -13.77
CA THR D 260 17.25 4.08 -12.50
C THR D 260 18.16 5.24 -12.04
N THR D 261 18.84 5.09 -10.89
CA THR D 261 19.80 6.08 -10.48
C THR D 261 20.76 5.34 -9.58
N THR D 262 21.88 5.99 -9.25
CA THR D 262 22.76 5.44 -8.21
C THR D 262 23.79 6.46 -7.75
N SER D 263 24.50 6.14 -6.65
CA SER D 263 25.63 6.92 -6.19
C SER D 263 26.91 6.14 -6.35
N LYS D 264 26.80 4.88 -6.78
CA LYS D 264 27.94 3.99 -6.80
C LYS D 264 28.56 3.94 -8.20
N GLU D 265 29.86 4.27 -8.32
CA GLU D 265 30.54 4.20 -9.61
C GLU D 265 30.43 2.84 -10.32
N GLU D 266 30.63 1.75 -9.59
CA GLU D 266 30.65 0.45 -10.25
C GLU D 266 29.26 0.07 -10.80
N ARG D 267 28.21 0.69 -10.27
CA ARG D 267 26.85 0.38 -10.76
C ARG D 267 26.55 1.08 -12.11
N ILE D 268 27.24 2.20 -12.33
CA ILE D 268 27.08 2.94 -13.59
C ILE D 268 27.40 2.01 -14.76
N ASN D 269 28.51 1.28 -14.69
CA ASN D 269 28.88 0.30 -15.75
C ASN D 269 28.01 -0.98 -15.74
N ASP D 270 27.61 -1.45 -14.54
CA ASP D 270 26.54 -2.52 -14.38
C ASP D 270 25.24 -2.23 -15.22
N VAL D 271 24.65 -1.06 -15.01
CA VAL D 271 23.45 -0.66 -15.75
C VAL D 271 23.73 -0.65 -17.27
N LEU D 272 24.83 -0.02 -17.72
CA LEU D 272 25.12 0.11 -19.16
C LEU D 272 25.35 -1.24 -19.85
N GLU D 273 25.74 -2.23 -19.06
CA GLU D 273 25.96 -3.58 -19.57
C GLU D 273 24.66 -4.34 -19.93
N ILE D 274 23.51 -3.83 -19.50
CA ILE D 274 22.23 -4.46 -19.82
C ILE D 274 21.93 -4.66 -21.31
N PHE D 275 22.68 -3.97 -22.19
CA PHE D 275 22.53 -4.09 -23.65
C PHE D 275 23.54 -5.07 -24.24
N ASP D 276 24.32 -5.73 -23.37
CA ASP D 276 25.36 -6.71 -23.75
C ASP D 276 24.89 -8.18 -23.59
N PHE D 277 23.61 -8.40 -23.24
CA PHE D 277 23.04 -9.75 -23.03
C PHE D 277 21.53 -9.75 -23.21
N GLU D 278 20.97 -10.90 -23.60
CA GLU D 278 19.52 -11.09 -23.65
C GLU D 278 19.12 -12.10 -22.60
N LEU D 279 17.95 -11.91 -21.99
CA LEU D 279 17.31 -12.96 -21.21
C LEU D 279 16.54 -13.80 -22.19
N ASP D 280 16.61 -15.11 -22.02
CA ASP D 280 15.86 -16.05 -22.83
C ASP D 280 14.37 -15.85 -22.51
N LYS D 281 13.56 -15.86 -23.57
CA LYS D 281 12.10 -15.83 -23.52
C LYS D 281 11.47 -16.50 -22.27
N GLU D 282 11.89 -17.75 -22.01
CA GLU D 282 11.34 -18.59 -20.93
C GLU D 282 11.56 -17.97 -19.55
N ASP D 283 12.75 -17.42 -19.34
CA ASP D 283 13.11 -16.78 -18.08
C ASP D 283 12.38 -15.42 -17.93
N GLU D 284 12.38 -14.62 -19.01
CA GLU D 284 11.62 -13.38 -19.11
C GLU D 284 10.19 -13.64 -18.69
N ASP D 285 9.55 -14.64 -19.30
CA ASP D 285 8.19 -15.04 -18.92
C ASP D 285 8.07 -15.44 -17.41
N GLN D 286 9.05 -16.23 -16.93
CA GLN D 286 9.14 -16.60 -15.50
C GLN D 286 9.14 -15.33 -14.62
N ILE D 287 9.87 -14.30 -15.04
CA ILE D 287 9.91 -13.07 -14.27
C ILE D 287 8.53 -12.41 -14.26
N THR D 288 7.87 -12.42 -15.42
CA THR D 288 6.56 -11.76 -15.60
C THR D 288 5.46 -12.42 -14.76
N LYS D 289 5.39 -13.74 -14.82
CA LYS D 289 4.41 -14.49 -14.08
C LYS D 289 4.62 -14.42 -12.58
N VAL D 290 5.82 -14.82 -12.10
CA VAL D 290 6.18 -14.80 -10.67
C VAL D 290 6.09 -13.40 -10.08
N GLY D 291 6.47 -12.39 -10.84
CA GLY D 291 6.36 -11.01 -10.30
C GLY D 291 4.92 -10.68 -9.97
N LYS D 292 3.97 -11.27 -10.69
CA LYS D 292 2.58 -10.95 -10.42
C LYS D 292 2.11 -11.43 -9.06
N GLU D 293 2.95 -12.22 -8.39
CA GLU D 293 2.56 -12.80 -7.14
C GLU D 293 2.66 -11.81 -5.99
N LYS D 294 3.27 -10.66 -6.25
CA LYS D 294 3.43 -9.68 -5.21
C LYS D 294 3.36 -8.30 -5.81
N THR D 295 2.59 -7.46 -5.15
CA THR D 295 2.34 -6.10 -5.51
C THR D 295 3.22 -5.23 -4.63
N LEU D 296 4.07 -4.40 -5.24
CA LEU D 296 4.89 -3.45 -4.49
C LEU D 296 4.80 -2.06 -5.11
N ARG D 297 4.23 -1.10 -4.40
CA ARG D 297 4.12 0.25 -4.91
C ARG D 297 4.84 1.27 -4.06
N GLN D 298 5.82 1.97 -4.67
CA GLN D 298 6.66 2.88 -3.89
C GLN D 298 6.30 4.34 -4.08
N PHE D 299 5.54 4.68 -5.12
CA PHE D 299 5.33 6.07 -5.49
C PHE D 299 3.86 6.29 -5.86
N SER D 300 3.48 7.57 -5.95
CA SER D 300 2.07 7.98 -6.21
C SER D 300 1.15 7.03 -5.43
N LYS D 301 1.36 6.96 -4.12
CA LYS D 301 0.56 5.98 -3.33
C LYS D 301 -0.97 6.27 -3.27
N GLU D 302 -1.44 7.41 -3.80
CA GLU D 302 -2.89 7.58 -3.99
C GLU D 302 -3.46 6.44 -4.86
N TYR D 303 -2.63 5.87 -5.71
CA TYR D 303 -3.08 4.78 -6.51
C TYR D 303 -3.24 3.42 -5.74
N SER D 304 -2.92 3.44 -4.43
CA SER D 304 -3.03 2.23 -3.62
C SER D 304 -4.52 1.82 -3.56
N LYS D 305 -5.46 2.72 -3.88
CA LYS D 305 -6.89 2.34 -4.07
C LYS D 305 -7.06 1.15 -5.06
N TYR D 306 -6.18 1.06 -6.04
CA TYR D 306 -6.21 -0.08 -6.91
C TYR D 306 -5.37 -1.11 -6.17
#